data_5C5S
#
_entry.id   5C5S
#
_cell.length_a   77.084
_cell.length_b   84.984
_cell.length_c   134.139
_cell.angle_alpha   90.000
_cell.angle_beta   90.000
_cell.angle_gamma   90.000
#
_symmetry.space_group_name_H-M   'P 21 21 21'
#
loop_
_entity.id
_entity.type
_entity.pdbx_description
1 polymer 'Unconventional myosin-IXb'
2 water water
#
_entity_poly.entity_id   1
_entity_poly.type   'polypeptide(L)'
_entity_poly.pdbx_seq_one_letter_code
;GPGSEFPGVEPGHFGVCVDSLTSDKASVPIVLEKLLEHVEMHGLYTEGLYRKSGAANRTRELRQALQTDPAAVKLENFPI
HAITGVLKQWLRELPEPLMTFAQYGDFLRAVELPEKQEQLAAIYAVLEHLPEANHNSLERLIFHLVKVALLEDVNRMSPG
ALAIIFAPCLLRCPDNSDPLTSMKDVLKITTCVEMLIKEQMRKYKVKMEEISQLEAAESIAFRRLSLLRQNA
;
_entity_poly.pdbx_strand_id   A,B,C,D
#
# COMPACT_ATOMS: atom_id res chain seq x y z
N PHE A 6 -31.35 -41.58 -27.25
CA PHE A 6 -30.00 -42.12 -27.25
C PHE A 6 -29.82 -43.19 -26.16
N PRO A 7 -30.34 -44.40 -26.40
CA PRO A 7 -30.44 -45.46 -25.39
C PRO A 7 -29.10 -46.07 -24.97
N GLY A 8 -28.84 -46.10 -23.66
CA GLY A 8 -27.70 -46.80 -23.12
C GLY A 8 -26.39 -46.03 -23.12
N VAL A 9 -26.33 -44.90 -23.82
CA VAL A 9 -25.10 -44.11 -23.87
C VAL A 9 -25.20 -42.89 -22.95
N GLU A 10 -24.09 -42.56 -22.30
CA GLU A 10 -24.04 -41.39 -21.42
C GLU A 10 -23.75 -40.14 -22.24
N PRO A 11 -24.38 -39.01 -21.87
CA PRO A 11 -24.28 -37.78 -22.65
C PRO A 11 -22.89 -37.13 -22.58
N GLY A 12 -22.07 -37.56 -21.64
CA GLY A 12 -20.76 -36.96 -21.45
C GLY A 12 -20.86 -35.64 -20.72
N HIS A 13 -19.86 -34.78 -20.87
CA HIS A 13 -19.81 -33.53 -20.13
C HIS A 13 -19.53 -32.31 -21.00
N PHE A 14 -19.11 -32.56 -22.23
CA PHE A 14 -18.87 -31.46 -23.18
C PHE A 14 -19.98 -31.41 -24.22
N GLY A 15 -20.52 -30.22 -24.44
CA GLY A 15 -21.53 -30.03 -25.46
C GLY A 15 -22.94 -30.31 -24.99
N VAL A 16 -23.11 -30.43 -23.67
CA VAL A 16 -24.43 -30.63 -23.10
C VAL A 16 -24.83 -29.43 -22.25
N CYS A 17 -26.13 -29.17 -22.16
CA CYS A 17 -26.66 -28.02 -21.43
CA CYS A 17 -26.64 -28.01 -21.44
C CYS A 17 -26.21 -28.04 -19.97
N VAL A 18 -25.86 -26.87 -19.45
CA VAL A 18 -25.34 -26.75 -18.10
C VAL A 18 -26.29 -27.27 -17.02
N ASP A 19 -27.60 -27.17 -17.25
CA ASP A 19 -28.59 -27.61 -16.27
C ASP A 19 -28.56 -29.12 -16.06
N SER A 20 -28.29 -29.87 -17.13
CA SER A 20 -28.27 -31.33 -17.07
C SER A 20 -27.03 -31.84 -16.33
N LEU A 21 -26.09 -30.94 -16.06
CA LEU A 21 -24.87 -31.32 -15.35
C LEU A 21 -24.94 -30.93 -13.88
N THR A 22 -26.07 -30.39 -13.45
CA THR A 22 -26.26 -29.99 -12.06
C THR A 22 -27.35 -30.80 -11.37
N SER A 23 -27.34 -30.79 -10.04
CA SER A 23 -28.34 -31.51 -9.26
C SER A 23 -28.40 -30.97 -7.83
N ASP A 24 -29.08 -31.71 -6.96
CA ASP A 24 -29.17 -31.35 -5.54
C ASP A 24 -27.82 -31.55 -4.85
N LYS A 25 -27.01 -32.47 -5.36
CA LYS A 25 -25.73 -32.79 -4.75
C LYS A 25 -24.60 -32.00 -5.41
N ALA A 26 -24.86 -31.46 -6.60
CA ALA A 26 -23.85 -30.69 -7.32
C ALA A 26 -24.47 -29.47 -8.01
N SER A 27 -24.38 -28.32 -7.35
CA SER A 27 -24.90 -27.07 -7.89
C SER A 27 -24.07 -26.58 -9.06
N VAL A 28 -22.80 -26.98 -9.08
CA VAL A 28 -21.88 -26.66 -10.15
C VAL A 28 -21.48 -27.95 -10.86
N PRO A 29 -21.45 -27.92 -12.20
CA PRO A 29 -20.99 -29.08 -12.98
C PRO A 29 -19.64 -29.61 -12.49
N ILE A 30 -19.54 -30.92 -12.32
CA ILE A 30 -18.35 -31.55 -11.75
C ILE A 30 -17.07 -31.18 -12.50
N VAL A 31 -17.15 -31.17 -13.84
CA VAL A 31 -15.98 -30.86 -14.66
C VAL A 31 -15.52 -29.42 -14.50
N LEU A 32 -16.47 -28.52 -14.30
CA LEU A 32 -16.14 -27.12 -14.10
C LEU A 32 -15.42 -26.94 -12.76
N GLU A 33 -16.01 -27.50 -11.71
CA GLU A 33 -15.41 -27.44 -10.38
C GLU A 33 -14.03 -28.10 -10.36
N LYS A 34 -13.94 -29.30 -10.94
CA LYS A 34 -12.70 -30.06 -10.99
C LYS A 34 -11.57 -29.29 -11.66
N LEU A 35 -11.87 -28.66 -12.79
CA LEU A 35 -10.87 -27.90 -13.53
C LEU A 35 -10.46 -26.62 -12.78
N LEU A 36 -11.43 -25.86 -12.30
CA LEU A 36 -11.15 -24.58 -11.65
C LEU A 36 -10.39 -24.77 -10.34
N GLU A 37 -10.78 -25.78 -9.57
CA GLU A 37 -10.16 -26.05 -8.27
C GLU A 37 -8.72 -26.49 -8.46
N HIS A 38 -8.43 -27.24 -9.53
CA HIS A 38 -7.06 -27.68 -9.79
C HIS A 38 -6.17 -26.50 -10.14
N VAL A 39 -6.67 -25.60 -10.98
CA VAL A 39 -5.91 -24.41 -11.38
C VAL A 39 -5.66 -23.53 -10.16
N GLU A 40 -6.65 -23.43 -9.28
CA GLU A 40 -6.50 -22.70 -8.02
C GLU A 40 -5.47 -23.35 -7.10
N MET A 41 -5.34 -24.68 -7.19
CA MET A 41 -4.46 -25.41 -6.28
C MET A 41 -3.05 -25.62 -6.83
N HIS A 42 -2.83 -25.32 -8.11
CA HIS A 42 -1.55 -25.63 -8.73
C HIS A 42 -1.07 -24.61 -9.76
N GLY A 43 -1.98 -23.80 -10.29
CA GLY A 43 -1.65 -22.99 -11.46
C GLY A 43 -1.76 -21.48 -11.37
N LEU A 44 -2.07 -20.93 -10.20
CA LEU A 44 -2.29 -19.49 -10.07
C LEU A 44 -1.01 -18.66 -10.19
N TYR A 45 0.15 -19.32 -10.16
CA TYR A 45 1.42 -18.61 -10.29
C TYR A 45 1.91 -18.59 -11.74
N THR A 46 1.16 -19.26 -12.63
CA THR A 46 1.62 -19.48 -13.99
C THR A 46 1.49 -18.25 -14.88
N GLU A 47 2.61 -17.80 -15.42
CA GLU A 47 2.61 -16.65 -16.33
C GLU A 47 1.73 -16.93 -17.55
N GLY A 48 0.89 -15.97 -17.89
CA GLY A 48 0.01 -16.10 -19.06
C GLY A 48 -1.07 -17.14 -18.89
N LEU A 49 -1.52 -17.33 -17.66
CA LEU A 49 -2.60 -18.28 -17.36
C LEU A 49 -3.88 -17.91 -18.13
N TYR A 50 -4.43 -18.89 -18.84
CA TYR A 50 -5.57 -18.72 -19.76
C TYR A 50 -5.24 -17.89 -20.99
N ARG A 51 -4.04 -17.33 -21.05
CA ARG A 51 -3.60 -16.61 -22.25
C ARG A 51 -2.86 -17.56 -23.18
N LYS A 52 -1.85 -18.22 -22.66
CA LYS A 52 -1.07 -19.20 -23.43
C LYS A 52 -1.91 -20.42 -23.77
N SER A 53 -1.57 -21.08 -24.87
CA SER A 53 -2.28 -22.27 -25.28
C SER A 53 -1.41 -23.52 -25.15
N GLY A 54 -2.03 -24.63 -24.77
CA GLY A 54 -1.33 -25.89 -24.66
C GLY A 54 -1.34 -26.62 -25.98
N ALA A 55 -0.66 -27.77 -26.03
CA ALA A 55 -0.63 -28.60 -27.23
C ALA A 55 -2.03 -29.06 -27.61
N ALA A 56 -2.34 -29.01 -28.90
CA ALA A 56 -3.66 -29.38 -29.39
C ALA A 56 -3.99 -30.83 -29.07
N ASN A 57 -3.00 -31.71 -29.24
CA ASN A 57 -3.20 -33.13 -29.01
C ASN A 57 -3.47 -33.47 -27.55
N ARG A 58 -2.64 -32.92 -26.65
CA ARG A 58 -2.80 -33.19 -25.22
CA ARG A 58 -2.78 -33.15 -25.23
C ARG A 58 -4.08 -32.55 -24.68
N THR A 59 -4.47 -31.40 -25.26
CA THR A 59 -5.72 -30.76 -24.87
C THR A 59 -6.88 -31.64 -25.31
N ARG A 60 -6.74 -32.23 -26.50
CA ARG A 60 -7.74 -33.13 -27.03
C ARG A 60 -7.84 -34.39 -26.17
N GLU A 61 -6.67 -34.94 -25.80
CA GLU A 61 -6.61 -36.09 -24.91
C GLU A 61 -7.29 -35.81 -23.58
N LEU A 62 -7.12 -34.59 -23.08
CA LEU A 62 -7.69 -34.22 -21.79
C LEU A 62 -9.21 -34.13 -21.89
N ARG A 63 -9.71 -33.54 -22.98
CA ARG A 63 -11.14 -33.46 -23.20
C ARG A 63 -11.74 -34.86 -23.29
N GLN A 64 -11.04 -35.76 -23.98
CA GLN A 64 -11.48 -37.15 -24.10
C GLN A 64 -11.63 -37.80 -22.73
N ALA A 65 -10.64 -37.61 -21.88
CA ALA A 65 -10.63 -38.25 -20.56
C ALA A 65 -11.71 -37.69 -19.65
N LEU A 66 -11.96 -36.39 -19.77
CA LEU A 66 -12.97 -35.72 -18.94
C LEU A 66 -14.39 -36.07 -19.41
N GLN A 67 -14.51 -36.49 -20.67
CA GLN A 67 -15.80 -36.88 -21.24
C GLN A 67 -16.42 -38.08 -20.54
N THR A 68 -15.67 -39.17 -20.48
CA THR A 68 -16.18 -40.43 -19.92
C THR A 68 -16.46 -40.28 -18.43
N ASP A 69 -15.44 -39.90 -17.68
CA ASP A 69 -15.56 -39.74 -16.24
C ASP A 69 -14.53 -38.74 -15.73
N PRO A 70 -14.98 -37.49 -15.48
CA PRO A 70 -14.10 -36.39 -15.10
C PRO A 70 -13.53 -36.55 -13.68
N ALA A 71 -14.11 -37.45 -12.90
CA ALA A 71 -13.67 -37.67 -11.52
C ALA A 71 -12.33 -38.39 -11.45
N ALA A 72 -12.18 -39.43 -12.28
CA ALA A 72 -11.00 -40.29 -12.24
C ALA A 72 -9.78 -39.66 -12.90
N VAL A 73 -9.97 -38.51 -13.54
CA VAL A 73 -8.89 -37.86 -14.28
C VAL A 73 -7.86 -37.23 -13.36
N LYS A 74 -6.64 -37.76 -13.38
CA LYS A 74 -5.55 -37.20 -12.60
C LYS A 74 -4.94 -36.02 -13.34
N LEU A 75 -5.43 -34.83 -13.04
CA LEU A 75 -5.03 -33.62 -13.77
C LEU A 75 -3.56 -33.28 -13.61
N GLU A 76 -2.90 -33.86 -12.60
CA GLU A 76 -1.49 -33.60 -12.38
C GLU A 76 -0.63 -34.17 -13.51
N ASN A 77 -1.20 -35.09 -14.29
CA ASN A 77 -0.47 -35.72 -15.40
C ASN A 77 -0.61 -34.94 -16.70
N PHE A 78 -1.33 -33.81 -16.63
CA PHE A 78 -1.54 -32.95 -17.79
C PHE A 78 -0.90 -31.58 -17.58
N PRO A 79 -0.33 -31.01 -18.65
CA PRO A 79 0.24 -29.66 -18.60
C PRO A 79 -0.82 -28.61 -18.26
N ILE A 80 -0.38 -27.50 -17.64
CA ILE A 80 -1.31 -26.52 -17.11
C ILE A 80 -2.07 -25.77 -18.22
N HIS A 81 -1.40 -25.52 -19.34
CA HIS A 81 -2.02 -24.77 -20.43
C HIS A 81 -2.98 -25.63 -21.26
N ALA A 82 -2.90 -26.95 -21.11
CA ALA A 82 -3.88 -27.84 -21.73
C ALA A 82 -5.14 -27.91 -20.87
N ILE A 83 -4.94 -27.76 -19.56
CA ILE A 83 -6.04 -27.74 -18.62
C ILE A 83 -6.86 -26.47 -18.79
N THR A 84 -6.17 -25.34 -18.91
CA THR A 84 -6.83 -24.06 -19.15
C THR A 84 -7.48 -24.04 -20.53
N GLY A 85 -6.88 -24.75 -21.48
CA GLY A 85 -7.42 -24.84 -22.82
C GLY A 85 -8.75 -25.58 -22.87
N VAL A 86 -8.82 -26.70 -22.17
CA VAL A 86 -10.03 -27.50 -22.11
C VAL A 86 -11.14 -26.76 -21.36
N LEU A 87 -10.75 -26.00 -20.33
CA LEU A 87 -11.71 -25.19 -19.59
C LEU A 87 -12.41 -24.20 -20.51
N LYS A 88 -11.64 -23.43 -21.27
CA LYS A 88 -12.21 -22.47 -22.20
C LYS A 88 -13.02 -23.18 -23.28
N GLN A 89 -12.52 -24.35 -23.70
CA GLN A 89 -13.21 -25.16 -24.70
C GLN A 89 -14.55 -25.66 -24.17
N TRP A 90 -14.60 -25.98 -22.88
CA TRP A 90 -15.84 -26.41 -22.26
C TRP A 90 -16.88 -25.31 -22.31
N LEU A 91 -16.46 -24.08 -22.02
CA LEU A 91 -17.35 -22.93 -22.07
C LEU A 91 -17.85 -22.69 -23.49
N ARG A 92 -16.97 -22.80 -24.47
CA ARG A 92 -17.32 -22.54 -25.86
C ARG A 92 -18.22 -23.62 -26.47
N GLU A 93 -18.20 -24.81 -25.88
CA GLU A 93 -18.96 -25.93 -26.41
C GLU A 93 -20.34 -26.10 -25.78
N LEU A 94 -20.65 -25.28 -24.78
CA LEU A 94 -21.99 -25.27 -24.20
C LEU A 94 -23.01 -24.91 -25.29
N PRO A 95 -24.12 -25.68 -25.36
CA PRO A 95 -25.18 -25.46 -26.36
C PRO A 95 -25.66 -24.01 -26.37
N GLU A 96 -25.60 -23.37 -25.21
CA GLU A 96 -25.89 -21.96 -25.07
C GLU A 96 -24.78 -21.34 -24.23
N PRO A 97 -24.31 -20.14 -24.61
CA PRO A 97 -23.30 -19.45 -23.78
C PRO A 97 -23.78 -19.31 -22.34
N LEU A 98 -22.84 -19.34 -21.40
CA LEU A 98 -23.17 -19.40 -19.98
C LEU A 98 -24.08 -18.24 -19.52
N MET A 99 -23.93 -17.09 -20.14
CA MET A 99 -24.74 -15.94 -19.74
C MET A 99 -25.98 -15.82 -20.66
N THR A 100 -26.25 -16.90 -21.38
CA THR A 100 -27.45 -17.10 -22.22
C THR A 100 -27.55 -16.20 -23.45
N PHE A 101 -28.29 -16.69 -24.44
CA PHE A 101 -28.62 -15.91 -25.63
C PHE A 101 -29.66 -14.85 -25.33
N ALA A 102 -30.68 -15.22 -24.55
CA ALA A 102 -31.83 -14.36 -24.32
C ALA A 102 -31.48 -13.06 -23.60
N GLN A 103 -30.54 -13.15 -22.65
CA GLN A 103 -30.17 -11.99 -21.86
C GLN A 103 -28.96 -11.25 -22.43
N TYR A 104 -28.50 -11.67 -23.60
CA TYR A 104 -27.34 -11.07 -24.26
C TYR A 104 -27.52 -9.56 -24.43
N GLY A 105 -28.69 -9.16 -24.92
CA GLY A 105 -28.99 -7.75 -25.13
C GLY A 105 -29.13 -6.98 -23.84
N ASP A 106 -29.59 -7.65 -22.80
CA ASP A 106 -29.74 -7.02 -21.49
C ASP A 106 -28.38 -6.58 -20.93
N PHE A 107 -27.36 -7.42 -21.18
CA PHE A 107 -26.01 -7.11 -20.73
C PHE A 107 -25.42 -5.95 -21.53
N LEU A 108 -25.75 -5.88 -22.82
CA LEU A 108 -25.28 -4.78 -23.66
C LEU A 108 -25.88 -3.47 -23.17
N ARG A 109 -27.19 -3.49 -22.92
CA ARG A 109 -27.91 -2.31 -22.46
C ARG A 109 -27.35 -1.79 -21.13
N ALA A 110 -26.94 -2.72 -20.26
CA ALA A 110 -26.35 -2.35 -18.98
C ALA A 110 -25.11 -1.48 -19.14
N VAL A 111 -24.18 -1.92 -19.97
CA VAL A 111 -22.91 -1.21 -20.12
C VAL A 111 -23.04 0.02 -21.00
N GLU A 112 -24.16 0.15 -21.69
CA GLU A 112 -24.42 1.34 -22.51
C GLU A 112 -24.87 2.53 -21.66
N LEU A 113 -25.14 2.28 -20.38
CA LEU A 113 -25.53 3.36 -19.47
C LEU A 113 -24.37 4.35 -19.26
N PRO A 114 -24.69 5.64 -19.06
CA PRO A 114 -23.71 6.73 -18.99
C PRO A 114 -22.66 6.61 -17.88
N GLU A 115 -23.08 6.26 -16.66
CA GLU A 115 -22.19 6.28 -15.51
C GLU A 115 -21.91 4.90 -14.93
N LYS A 116 -20.72 4.73 -14.34
CA LYS A 116 -20.24 3.45 -13.85
C LYS A 116 -21.16 2.81 -12.82
N GLN A 117 -21.64 3.60 -11.87
CA GLN A 117 -22.46 3.09 -10.77
C GLN A 117 -23.73 2.42 -11.28
N GLU A 118 -24.46 3.14 -12.14
CA GLU A 118 -25.69 2.60 -12.71
C GLU A 118 -25.38 1.48 -13.71
N GLN A 119 -24.19 1.52 -14.32
CA GLN A 119 -23.75 0.42 -15.17
C GLN A 119 -23.59 -0.86 -14.34
N LEU A 120 -22.88 -0.75 -13.22
CA LEU A 120 -22.70 -1.88 -12.31
C LEU A 120 -24.04 -2.43 -11.83
N ALA A 121 -24.88 -1.55 -11.29
CA ALA A 121 -26.20 -1.93 -10.81
C ALA A 121 -27.01 -2.66 -11.88
N ALA A 122 -26.96 -2.15 -13.11
CA ALA A 122 -27.71 -2.76 -14.21
C ALA A 122 -27.18 -4.15 -14.52
N ILE A 123 -25.85 -4.30 -14.55
CA ILE A 123 -25.23 -5.59 -14.79
C ILE A 123 -25.69 -6.63 -13.77
N TYR A 124 -25.63 -6.27 -12.49
CA TYR A 124 -26.05 -7.17 -11.42
C TYR A 124 -27.56 -7.42 -11.48
N ALA A 125 -28.33 -6.45 -11.98
CA ALA A 125 -29.76 -6.65 -12.15
C ALA A 125 -30.03 -7.76 -13.17
N VAL A 126 -29.21 -7.83 -14.21
CA VAL A 126 -29.36 -8.87 -15.22
C VAL A 126 -28.93 -10.23 -14.66
N LEU A 127 -27.86 -10.24 -13.87
CA LEU A 127 -27.35 -11.46 -13.25
C LEU A 127 -28.42 -12.16 -12.40
N GLU A 128 -29.25 -11.37 -11.74
CA GLU A 128 -30.33 -11.89 -10.90
C GLU A 128 -31.35 -12.72 -11.69
N HIS A 129 -31.43 -12.48 -13.00
CA HIS A 129 -32.41 -13.15 -13.84
C HIS A 129 -31.85 -14.36 -14.57
N LEU A 130 -30.55 -14.61 -14.40
CA LEU A 130 -29.94 -15.79 -15.00
C LEU A 130 -30.57 -17.06 -14.44
N PRO A 131 -30.75 -18.08 -15.29
CA PRO A 131 -31.24 -19.38 -14.82
C PRO A 131 -30.32 -19.93 -13.74
N GLU A 132 -30.87 -20.77 -12.86
CA GLU A 132 -30.15 -21.26 -11.69
C GLU A 132 -28.78 -21.87 -12.01
N ALA A 133 -28.74 -22.82 -12.96
CA ALA A 133 -27.50 -23.49 -13.29
C ALA A 133 -26.46 -22.52 -13.86
N ASN A 134 -26.93 -21.59 -14.69
CA ASN A 134 -26.05 -20.60 -15.31
C ASN A 134 -25.47 -19.63 -14.28
N HIS A 135 -26.30 -19.24 -13.32
CA HIS A 135 -25.86 -18.34 -12.27
C HIS A 135 -24.83 -19.04 -11.38
N ASN A 136 -25.11 -20.30 -11.02
CA ASN A 136 -24.20 -21.08 -10.19
C ASN A 136 -22.83 -21.26 -10.85
N SER A 137 -22.82 -21.53 -12.15
CA SER A 137 -21.58 -21.73 -12.89
C SER A 137 -20.80 -20.44 -13.08
N LEU A 138 -21.50 -19.38 -13.46
CA LEU A 138 -20.87 -18.08 -13.65
C LEU A 138 -20.28 -17.56 -12.34
N GLU A 139 -21.03 -17.75 -11.25
CA GLU A 139 -20.59 -17.38 -9.92
C GLU A 139 -19.25 -18.03 -9.58
N ARG A 140 -19.18 -19.33 -9.78
CA ARG A 140 -17.97 -20.10 -9.50
C ARG A 140 -16.80 -19.64 -10.37
N LEU A 141 -17.10 -19.34 -11.64
CA LEU A 141 -16.08 -18.93 -12.59
C LEU A 141 -15.52 -17.54 -12.30
N ILE A 142 -16.40 -16.59 -11.99
CA ILE A 142 -15.96 -15.23 -11.72
C ILE A 142 -15.09 -15.20 -10.46
N PHE A 143 -15.48 -15.98 -9.46
CA PHE A 143 -14.71 -16.09 -8.23
C PHE A 143 -13.33 -16.65 -8.53
N HIS A 144 -13.27 -17.59 -9.48
CA HIS A 144 -12.00 -18.14 -9.92
C HIS A 144 -11.14 -17.08 -10.59
N LEU A 145 -11.75 -16.28 -11.47
CA LEU A 145 -11.03 -15.23 -12.17
C LEU A 145 -10.58 -14.12 -11.21
N VAL A 146 -11.34 -13.90 -10.15
CA VAL A 146 -10.92 -12.96 -9.11
C VAL A 146 -9.62 -13.47 -8.48
N LYS A 147 -9.58 -14.76 -8.17
CA LYS A 147 -8.39 -15.38 -7.58
C LYS A 147 -7.16 -15.25 -8.47
N VAL A 148 -7.36 -15.40 -9.77
CA VAL A 148 -6.29 -15.25 -10.76
C VAL A 148 -5.79 -13.81 -10.82
N ALA A 149 -6.74 -12.88 -10.93
CA ALA A 149 -6.42 -11.47 -11.06
C ALA A 149 -5.69 -10.92 -9.84
N LEU A 150 -5.93 -11.52 -8.68
CA LEU A 150 -5.27 -11.10 -7.45
C LEU A 150 -3.77 -11.36 -7.53
N LEU A 151 -3.38 -12.36 -8.32
CA LEU A 151 -1.97 -12.68 -8.51
C LEU A 151 -1.44 -12.16 -9.84
N GLU A 152 -2.01 -11.04 -10.30
CA GLU A 152 -1.58 -10.41 -11.54
C GLU A 152 -0.10 -10.06 -11.55
N ASP A 153 0.43 -9.70 -10.39
CA ASP A 153 1.84 -9.32 -10.31
C ASP A 153 2.76 -10.49 -10.61
N VAL A 154 2.21 -11.70 -10.50
CA VAL A 154 2.98 -12.91 -10.76
C VAL A 154 2.59 -13.59 -12.07
N ASN A 155 1.29 -13.76 -12.29
CA ASN A 155 0.83 -14.48 -13.48
C ASN A 155 0.54 -13.57 -14.67
N ARG A 156 0.69 -12.25 -14.45
CA ARG A 156 0.53 -11.24 -15.49
C ARG A 156 -0.87 -11.22 -16.11
N MET A 157 -1.87 -11.70 -15.38
CA MET A 157 -3.24 -11.72 -15.89
C MET A 157 -4.15 -10.72 -15.17
N SER A 158 -4.25 -9.52 -15.74
CA SER A 158 -5.13 -8.48 -15.21
C SER A 158 -6.60 -8.85 -15.42
N PRO A 159 -7.52 -8.18 -14.71
CA PRO A 159 -8.94 -8.40 -14.95
C PRO A 159 -9.33 -8.08 -16.40
N GLY A 160 -8.68 -7.07 -16.98
CA GLY A 160 -8.91 -6.70 -18.36
C GLY A 160 -8.48 -7.79 -19.34
N ALA A 161 -7.30 -8.34 -19.09
CA ALA A 161 -6.80 -9.44 -19.91
C ALA A 161 -7.73 -10.65 -19.83
N LEU A 162 -8.11 -11.01 -18.61
CA LEU A 162 -9.03 -12.13 -18.40
C LEU A 162 -10.38 -11.88 -19.05
N ALA A 163 -10.82 -10.62 -19.02
CA ALA A 163 -12.10 -10.24 -19.63
C ALA A 163 -12.07 -10.46 -21.14
N ILE A 164 -10.98 -10.03 -21.78
CA ILE A 164 -10.83 -10.20 -23.21
C ILE A 164 -10.89 -11.68 -23.59
N ILE A 165 -10.24 -12.50 -22.77
CA ILE A 165 -10.20 -13.93 -23.00
C ILE A 165 -11.56 -14.60 -22.79
N PHE A 166 -12.25 -14.24 -21.70
CA PHE A 166 -13.44 -14.99 -21.30
C PHE A 166 -14.76 -14.41 -21.79
N ALA A 167 -14.82 -13.11 -22.08
CA ALA A 167 -16.07 -12.50 -22.55
C ALA A 167 -16.68 -13.20 -23.78
N PRO A 168 -15.87 -13.51 -24.81
CA PRO A 168 -16.51 -14.22 -25.93
C PRO A 168 -16.90 -15.64 -25.58
N CYS A 169 -16.30 -16.21 -24.55
CA CYS A 169 -16.67 -17.55 -24.09
C CYS A 169 -17.99 -17.53 -23.34
N LEU A 170 -18.29 -16.39 -22.73
CA LEU A 170 -19.46 -16.26 -21.86
C LEU A 170 -20.65 -15.65 -22.58
N LEU A 171 -20.37 -14.77 -23.53
CA LEU A 171 -21.42 -14.04 -24.25
C LEU A 171 -21.23 -14.11 -25.76
N ARG A 172 -22.20 -14.72 -26.44
CA ARG A 172 -22.20 -14.78 -27.89
C ARG A 172 -23.48 -14.16 -28.43
N CYS A 173 -23.36 -13.26 -29.40
CA CYS A 173 -24.54 -12.67 -30.04
C CYS A 173 -25.29 -13.77 -30.78
N PRO A 174 -26.64 -13.71 -30.75
CA PRO A 174 -27.45 -14.66 -31.51
C PRO A 174 -27.10 -14.61 -32.99
N ASP A 175 -27.20 -15.75 -33.67
CA ASP A 175 -26.86 -15.84 -35.08
C ASP A 175 -27.76 -14.94 -35.93
N ASN A 176 -28.91 -14.57 -35.38
CA ASN A 176 -29.85 -13.71 -36.09
C ASN A 176 -29.77 -12.25 -35.62
N SER A 177 -28.56 -11.79 -35.36
CA SER A 177 -28.34 -10.38 -35.02
C SER A 177 -27.68 -9.66 -36.20
N ASP A 178 -27.57 -8.34 -36.10
CA ASP A 178 -27.00 -7.55 -37.18
C ASP A 178 -25.47 -7.53 -37.06
N PRO A 179 -24.80 -8.17 -38.03
CA PRO A 179 -23.33 -8.32 -38.01
C PRO A 179 -22.60 -6.99 -38.22
N LEU A 180 -23.34 -5.92 -38.50
CA LEU A 180 -22.73 -4.61 -38.65
C LEU A 180 -22.52 -3.93 -37.30
N THR A 181 -23.05 -4.53 -36.24
CA THR A 181 -22.92 -3.98 -34.89
C THR A 181 -22.05 -4.84 -34.00
N SER A 182 -21.68 -6.02 -34.51
CA SER A 182 -20.78 -6.92 -33.80
C SER A 182 -19.45 -6.26 -33.50
N MET A 183 -19.15 -5.19 -34.24
CA MET A 183 -17.95 -4.40 -34.06
C MET A 183 -17.85 -3.85 -32.63
N LYS A 184 -18.87 -3.11 -32.21
CA LYS A 184 -18.89 -2.51 -30.87
C LYS A 184 -19.26 -3.52 -29.79
N ASP A 185 -19.98 -4.57 -30.18
CA ASP A 185 -20.50 -5.56 -29.23
C ASP A 185 -19.39 -6.29 -28.47
N VAL A 186 -18.29 -6.60 -29.16
CA VAL A 186 -17.16 -7.29 -28.53
C VAL A 186 -16.54 -6.41 -27.44
N LEU A 187 -16.41 -5.12 -27.73
CA LEU A 187 -15.93 -4.16 -26.74
C LEU A 187 -16.88 -4.10 -25.54
N LYS A 188 -18.18 -4.13 -25.81
CA LYS A 188 -19.20 -4.01 -24.78
C LYS A 188 -19.24 -5.22 -23.86
N ILE A 189 -19.18 -6.42 -24.43
CA ILE A 189 -19.23 -7.64 -23.63
C ILE A 189 -17.94 -7.80 -22.82
N THR A 190 -16.84 -7.27 -23.35
CA THR A 190 -15.55 -7.31 -22.65
C THR A 190 -15.57 -6.37 -21.46
N THR A 191 -16.15 -5.19 -21.67
CA THR A 191 -16.30 -4.20 -20.61
C THR A 191 -17.16 -4.76 -19.49
N CYS A 192 -18.26 -5.42 -19.86
CA CYS A 192 -19.18 -6.03 -18.92
C CYS A 192 -18.49 -7.02 -17.99
N VAL A 193 -17.70 -7.91 -18.58
CA VAL A 193 -17.02 -8.94 -17.81
C VAL A 193 -15.91 -8.35 -16.96
N GLU A 194 -15.19 -7.37 -17.50
CA GLU A 194 -14.14 -6.69 -16.76
C GLU A 194 -14.66 -5.99 -15.52
N MET A 195 -15.78 -5.27 -15.66
CA MET A 195 -16.38 -4.55 -14.55
C MET A 195 -16.85 -5.51 -13.47
N LEU A 196 -17.31 -6.68 -13.90
CA LEU A 196 -17.79 -7.70 -12.99
C LEU A 196 -16.64 -8.26 -12.16
N ILE A 197 -15.54 -8.60 -12.83
CA ILE A 197 -14.36 -9.11 -12.13
C ILE A 197 -13.77 -8.08 -11.17
N LYS A 198 -13.70 -6.83 -11.62
CA LYS A 198 -13.12 -5.76 -10.82
C LYS A 198 -13.94 -5.46 -9.57
N GLU A 199 -15.27 -5.46 -9.71
CA GLU A 199 -16.12 -5.14 -8.57
C GLU A 199 -16.13 -6.30 -7.57
N GLN A 200 -16.12 -7.53 -8.08
CA GLN A 200 -16.05 -8.69 -7.22
C GLN A 200 -14.71 -8.76 -6.48
N MET A 201 -13.64 -8.35 -7.17
CA MET A 201 -12.32 -8.32 -6.57
C MET A 201 -12.21 -7.20 -5.55
N ARG A 202 -12.87 -6.07 -5.83
CA ARG A 202 -12.85 -4.94 -4.93
C ARG A 202 -13.50 -5.29 -3.60
N LYS A 203 -14.64 -5.98 -3.68
CA LYS A 203 -15.35 -6.42 -2.49
C LYS A 203 -14.57 -7.52 -1.78
N TYR A 204 -13.84 -8.32 -2.56
CA TYR A 204 -12.96 -9.34 -2.01
C TYR A 204 -11.92 -8.69 -1.08
N LYS A 205 -11.19 -7.71 -1.61
CA LYS A 205 -10.13 -7.04 -0.88
C LYS A 205 -10.64 -6.38 0.40
N VAL A 206 -11.86 -5.83 0.34
CA VAL A 206 -12.46 -5.17 1.49
C VAL A 206 -12.74 -6.15 2.62
N LYS A 207 -13.44 -7.24 2.30
CA LYS A 207 -13.78 -8.23 3.31
C LYS A 207 -12.57 -9.05 3.75
N MET A 208 -11.53 -9.04 2.92
CA MET A 208 -10.29 -9.73 3.25
C MET A 208 -9.57 -9.04 4.40
N GLU A 209 -9.68 -7.71 4.47
CA GLU A 209 -9.06 -6.94 5.54
C GLU A 209 -9.79 -7.11 6.87
N GLU A 210 -11.01 -7.64 6.79
CA GLU A 210 -11.79 -7.98 7.98
C GLU A 210 -11.43 -9.39 8.44
N ILE A 211 -11.30 -10.29 7.45
CA ILE A 211 -10.86 -11.66 7.69
C ILE A 211 -9.54 -11.71 8.45
N SER A 212 -8.62 -10.82 8.09
CA SER A 212 -7.26 -10.88 8.61
C SER A 212 -7.10 -10.23 9.99
N GLN A 213 -8.10 -10.37 10.85
CA GLN A 213 -7.99 -9.83 12.21
C GLN A 213 -8.48 -10.83 13.26
N LEU A 214 -7.87 -10.77 14.44
CA LEU A 214 -8.09 -11.75 15.50
C LEU A 214 -9.38 -11.48 16.29
N GLU A 215 -9.57 -10.23 16.69
CA GLU A 215 -10.75 -9.85 17.47
C GLU A 215 -11.03 -8.36 17.36
N PRO B 11 23.07 -0.77 14.04
CA PRO B 11 21.89 -0.64 13.16
C PRO B 11 21.20 -1.97 12.96
N GLY B 12 20.33 -2.07 11.97
CA GLY B 12 19.78 -3.37 11.59
C GLY B 12 18.26 -3.49 11.50
N HIS B 13 17.83 -4.56 10.85
CA HIS B 13 16.42 -4.95 10.81
C HIS B 13 16.23 -6.23 11.61
N PHE B 14 17.35 -6.90 11.89
CA PHE B 14 17.36 -8.10 12.73
C PHE B 14 17.96 -7.76 14.08
N GLY B 15 17.63 -8.55 15.10
CA GLY B 15 18.14 -8.33 16.44
C GLY B 15 17.72 -6.98 17.00
N VAL B 16 16.59 -6.49 16.51
CA VAL B 16 16.07 -5.17 16.90
C VAL B 16 14.59 -5.29 17.29
N CYS B 17 14.22 -4.65 18.39
CA CYS B 17 12.84 -4.65 18.88
C CYS B 17 11.84 -4.31 17.77
N VAL B 18 10.79 -5.13 17.68
CA VAL B 18 9.79 -4.99 16.62
C VAL B 18 9.12 -3.61 16.63
N ASP B 19 8.98 -3.04 17.82
CA ASP B 19 8.28 -1.77 17.98
C ASP B 19 8.99 -0.61 17.32
N SER B 20 10.32 -0.67 17.26
CA SER B 20 11.10 0.37 16.60
C SER B 20 11.16 0.16 15.10
N LEU B 21 10.65 -0.98 14.64
CA LEU B 21 10.59 -1.28 13.22
C LEU B 21 9.24 -0.90 12.62
N THR B 22 8.29 -0.54 13.49
CA THR B 22 6.97 -0.14 13.03
C THR B 22 6.65 1.30 13.41
N SER B 23 6.80 2.22 12.45
CA SER B 23 6.40 3.60 12.65
C SER B 23 5.10 3.87 11.91
N ASP B 24 4.00 3.71 12.65
CA ASP B 24 2.62 3.77 12.18
C ASP B 24 1.81 3.01 13.22
N LYS B 25 0.51 3.27 13.30
CA LYS B 25 -0.33 2.50 14.23
C LYS B 25 -0.70 1.15 13.62
N ALA B 26 -0.73 1.08 12.29
CA ALA B 26 -1.24 -0.10 11.60
C ALA B 26 -0.16 -0.91 10.89
N SER B 27 0.97 -0.29 10.59
CA SER B 27 1.98 -0.93 9.76
C SER B 27 2.67 -2.11 10.44
N VAL B 28 3.32 -2.91 9.60
CA VAL B 28 4.09 -4.07 10.03
C VAL B 28 5.52 -3.86 9.55
N PRO B 29 6.51 -4.33 10.33
CA PRO B 29 7.93 -4.26 9.93
C PRO B 29 8.15 -4.63 8.46
N ILE B 30 8.93 -3.81 7.76
CA ILE B 30 9.12 -3.95 6.31
C ILE B 30 9.62 -5.33 5.90
N VAL B 31 10.65 -5.81 6.60
CA VAL B 31 11.23 -7.13 6.32
C VAL B 31 10.20 -8.23 6.50
N LEU B 32 9.38 -8.09 7.53
CA LEU B 32 8.32 -9.05 7.78
C LEU B 32 7.31 -9.04 6.65
N GLU B 33 6.82 -7.86 6.29
CA GLU B 33 5.85 -7.71 5.22
C GLU B 33 6.43 -8.17 3.88
N LYS B 34 7.66 -7.78 3.59
CA LYS B 34 8.29 -8.12 2.32
C LYS B 34 8.49 -9.62 2.17
N LEU B 35 8.94 -10.27 3.24
CA LEU B 35 9.17 -11.71 3.19
C LEU B 35 7.87 -12.49 3.06
N LEU B 36 6.86 -12.14 3.85
CA LEU B 36 5.58 -12.83 3.84
C LEU B 36 4.85 -12.66 2.51
N GLU B 37 4.84 -11.43 2.01
CA GLU B 37 4.15 -11.14 0.75
C GLU B 37 4.75 -11.95 -0.39
N HIS B 38 6.08 -12.05 -0.40
CA HIS B 38 6.77 -12.79 -1.45
C HIS B 38 6.43 -14.27 -1.43
N VAL B 39 6.40 -14.85 -0.23
CA VAL B 39 6.05 -16.26 -0.05
C VAL B 39 4.62 -16.50 -0.54
N GLU B 40 3.72 -15.57 -0.23
CA GLU B 40 2.33 -15.68 -0.65
C GLU B 40 2.18 -15.53 -2.16
N MET B 41 3.12 -14.83 -2.77
CA MET B 41 3.10 -14.57 -4.20
C MET B 41 3.85 -15.64 -4.98
N HIS B 42 4.63 -16.47 -4.32
CA HIS B 42 5.51 -17.40 -5.02
C HIS B 42 5.68 -18.80 -4.40
N GLY B 43 5.35 -18.95 -3.12
CA GLY B 43 5.73 -20.19 -2.43
C GLY B 43 4.63 -21.03 -1.80
N LEU B 44 3.38 -20.65 -1.98
CA LEU B 44 2.29 -21.36 -1.31
C LEU B 44 2.05 -22.76 -1.88
N TYR B 45 2.64 -23.06 -3.03
CA TYR B 45 2.49 -24.39 -3.62
C TYR B 45 3.65 -25.31 -3.24
N THR B 46 4.67 -24.73 -2.60
CA THR B 46 5.91 -25.45 -2.32
C THR B 46 5.76 -26.46 -1.18
N GLU B 47 6.00 -27.72 -1.50
CA GLU B 47 5.94 -28.81 -0.53
CA GLU B 47 5.91 -28.79 -0.51
C GLU B 47 6.93 -28.58 0.60
N GLY B 48 6.48 -28.77 1.85
CA GLY B 48 7.35 -28.62 3.01
C GLY B 48 7.76 -27.18 3.27
N LEU B 49 6.89 -26.24 2.89
CA LEU B 49 7.12 -24.82 3.14
C LEU B 49 7.29 -24.55 4.64
N TYR B 50 8.39 -23.89 4.99
CA TYR B 50 8.83 -23.63 6.38
C TYR B 50 9.29 -24.88 7.13
N ARG B 51 9.03 -26.06 6.57
CA ARG B 51 9.52 -27.30 7.16
C ARG B 51 10.94 -27.58 6.69
N LYS B 52 11.17 -27.43 5.38
CA LYS B 52 12.48 -27.65 4.79
C LYS B 52 13.41 -26.48 5.02
N SER B 53 14.72 -26.77 5.06
CA SER B 53 15.72 -25.74 5.21
C SER B 53 16.29 -25.34 3.84
N GLY B 54 16.70 -24.08 3.72
CA GLY B 54 17.40 -23.63 2.54
C GLY B 54 18.90 -23.78 2.72
N ALA B 55 19.65 -23.51 1.67
CA ALA B 55 21.09 -23.54 1.72
C ALA B 55 21.61 -22.55 2.76
N ALA B 56 22.55 -22.98 3.59
CA ALA B 56 23.09 -22.13 4.65
C ALA B 56 23.77 -20.88 4.08
N ASN B 57 24.41 -21.03 2.92
CA ASN B 57 25.14 -19.91 2.34
C ASN B 57 24.22 -18.88 1.69
N ARG B 58 23.17 -19.34 1.01
CA ARG B 58 22.20 -18.43 0.42
C ARG B 58 21.36 -17.75 1.49
N THR B 59 21.04 -18.50 2.54
CA THR B 59 20.28 -17.96 3.66
C THR B 59 21.08 -16.89 4.37
N ARG B 60 22.36 -17.16 4.58
CA ARG B 60 23.27 -16.20 5.18
C ARG B 60 23.37 -14.95 4.32
N GLU B 61 23.48 -15.13 3.01
CA GLU B 61 23.55 -14.01 2.08
C GLU B 61 22.26 -13.20 2.10
N LEU B 62 21.12 -13.87 2.23
CA LEU B 62 19.83 -13.20 2.25
C LEU B 62 19.64 -12.39 3.53
N ARG B 63 20.08 -12.97 4.65
CA ARG B 63 20.02 -12.27 5.93
C ARG B 63 20.83 -10.98 5.90
N GLN B 64 22.05 -11.06 5.38
CA GLN B 64 22.93 -9.89 5.32
C GLN B 64 22.41 -8.84 4.36
N ALA B 65 21.70 -9.28 3.32
CA ALA B 65 21.16 -8.37 2.31
C ALA B 65 19.97 -7.60 2.87
N LEU B 66 19.14 -8.28 3.65
CA LEU B 66 17.97 -7.67 4.26
C LEU B 66 18.34 -6.85 5.49
N GLN B 67 19.58 -7.00 5.95
CA GLN B 67 20.05 -6.29 7.13
C GLN B 67 19.97 -4.77 6.93
N THR B 68 20.55 -4.29 5.83
CA THR B 68 20.49 -2.87 5.47
C THR B 68 19.73 -2.68 4.16
N ASP B 69 18.74 -1.79 4.17
CA ASP B 69 17.90 -1.51 3.01
C ASP B 69 17.29 -2.78 2.41
N PRO B 70 16.32 -3.38 3.12
CA PRO B 70 15.69 -4.62 2.66
C PRO B 70 14.79 -4.41 1.46
N ALA B 71 14.27 -3.19 1.29
CA ALA B 71 13.35 -2.88 0.21
C ALA B 71 13.98 -3.10 -1.17
N ALA B 72 15.28 -2.86 -1.28
CA ALA B 72 15.97 -2.97 -2.55
C ALA B 72 16.45 -4.40 -2.84
N VAL B 73 16.16 -5.31 -1.92
CA VAL B 73 16.54 -6.70 -2.09
C VAL B 73 15.62 -7.41 -3.08
N LYS B 74 16.21 -7.94 -4.16
CA LYS B 74 15.45 -8.65 -5.18
C LYS B 74 15.24 -10.09 -4.74
N LEU B 75 14.08 -10.36 -4.15
CA LEU B 75 13.83 -11.64 -3.48
C LEU B 75 13.72 -12.84 -4.42
N GLU B 76 13.31 -12.60 -5.67
CA GLU B 76 13.13 -13.71 -6.61
C GLU B 76 14.49 -14.21 -7.13
N ASN B 77 15.56 -13.62 -6.64
CA ASN B 77 16.91 -14.12 -6.92
C ASN B 77 17.35 -15.12 -5.85
N PHE B 78 16.51 -15.30 -4.84
CA PHE B 78 16.80 -16.23 -3.77
C PHE B 78 15.81 -17.41 -3.80
N PRO B 79 16.30 -18.62 -3.48
CA PRO B 79 15.43 -19.79 -3.40
C PRO B 79 14.41 -19.66 -2.28
N ILE B 80 13.24 -20.25 -2.45
CA ILE B 80 12.11 -20.07 -1.54
C ILE B 80 12.40 -20.57 -0.12
N HIS B 81 13.21 -21.62 0.00
CA HIS B 81 13.51 -22.21 1.30
C HIS B 81 14.54 -21.40 2.06
N ALA B 82 15.31 -20.59 1.34
CA ALA B 82 16.23 -19.65 1.98
C ALA B 82 15.44 -18.45 2.48
N ILE B 83 14.35 -18.14 1.78
CA ILE B 83 13.48 -17.03 2.15
C ILE B 83 12.70 -17.38 3.43
N THR B 84 12.17 -18.59 3.49
CA THR B 84 11.46 -19.07 4.66
C THR B 84 12.39 -19.20 5.86
N GLY B 85 13.64 -19.57 5.59
CA GLY B 85 14.64 -19.69 6.64
C GLY B 85 14.94 -18.38 7.32
N VAL B 86 15.07 -17.31 6.53
CA VAL B 86 15.36 -15.99 7.06
C VAL B 86 14.17 -15.43 7.83
N LEU B 87 12.97 -15.75 7.35
CA LEU B 87 11.74 -15.33 8.02
C LEU B 87 11.72 -15.88 9.45
N LYS B 88 12.02 -17.17 9.58
CA LYS B 88 12.07 -17.82 10.88
C LYS B 88 13.24 -17.26 11.70
N GLN B 89 14.32 -16.94 11.02
CA GLN B 89 15.48 -16.37 11.66
C GLN B 89 15.11 -15.04 12.26
N TRP B 90 14.36 -14.25 11.52
CA TRP B 90 13.94 -12.92 11.95
C TRP B 90 13.12 -12.97 13.23
N LEU B 91 12.26 -13.98 13.32
CA LEU B 91 11.42 -14.16 14.50
C LEU B 91 12.24 -14.53 15.73
N ARG B 92 13.19 -15.43 15.55
CA ARG B 92 13.99 -15.93 16.65
C ARG B 92 15.01 -14.91 17.14
N GLU B 93 15.37 -13.95 16.28
CA GLU B 93 16.40 -12.97 16.62
C GLU B 93 15.81 -11.69 17.21
N LEU B 94 14.49 -11.62 17.32
CA LEU B 94 13.86 -10.54 18.06
C LEU B 94 14.30 -10.64 19.52
N PRO B 95 14.74 -9.51 20.10
CA PRO B 95 15.22 -9.46 21.48
C PRO B 95 14.19 -9.99 22.47
N GLU B 96 12.92 -9.92 22.06
CA GLU B 96 11.83 -10.55 22.79
C GLU B 96 10.97 -11.33 21.81
N PRO B 97 10.56 -12.56 22.19
CA PRO B 97 9.62 -13.34 21.37
C PRO B 97 8.37 -12.52 21.08
N LEU B 98 7.85 -12.64 19.87
CA LEU B 98 6.80 -11.77 19.37
C LEU B 98 5.58 -11.72 20.29
N MET B 99 5.26 -12.85 20.92
CA MET B 99 4.11 -12.92 21.82
C MET B 99 4.51 -12.56 23.25
N THR B 100 5.67 -11.91 23.38
CA THR B 100 6.19 -11.33 24.62
C THR B 100 6.51 -12.32 25.73
N PHE B 101 7.44 -11.92 26.60
CA PHE B 101 7.77 -12.67 27.80
C PHE B 101 6.65 -12.58 28.83
N ALA B 102 6.06 -11.40 28.95
CA ALA B 102 5.14 -11.10 30.05
C ALA B 102 3.82 -11.88 29.94
N GLN B 103 3.32 -12.04 28.72
CA GLN B 103 2.04 -12.72 28.50
C GLN B 103 2.23 -14.21 28.27
N TYR B 104 3.47 -14.65 28.28
CA TYR B 104 3.82 -16.06 28.09
C TYR B 104 3.11 -16.96 29.09
N GLY B 105 3.10 -16.53 30.35
CA GLY B 105 2.44 -17.27 31.41
C GLY B 105 0.94 -17.32 31.21
N ASP B 106 0.37 -16.22 30.75
CA ASP B 106 -1.07 -16.14 30.53
C ASP B 106 -1.49 -17.01 29.33
N PHE B 107 -0.63 -17.09 28.31
CA PHE B 107 -0.89 -17.98 27.18
C PHE B 107 -0.88 -19.43 27.64
N LEU B 108 0.03 -19.74 28.55
CA LEU B 108 0.12 -21.08 29.11
C LEU B 108 -1.12 -21.44 29.94
N ARG B 109 -1.57 -20.50 30.77
CA ARG B 109 -2.76 -20.73 31.58
C ARG B 109 -4.01 -20.85 30.70
N ALA B 110 -3.96 -20.22 29.53
CA ALA B 110 -5.07 -20.29 28.59
C ALA B 110 -5.27 -21.72 28.09
N VAL B 111 -4.20 -22.35 27.63
CA VAL B 111 -4.27 -23.72 27.15
C VAL B 111 -4.33 -24.72 28.31
N GLU B 112 -4.24 -24.23 29.55
CA GLU B 112 -4.36 -25.08 30.72
C GLU B 112 -5.78 -25.10 31.29
N LEU B 113 -6.70 -24.45 30.59
CA LEU B 113 -8.11 -24.48 30.99
C LEU B 113 -8.70 -25.87 30.82
N PRO B 114 -9.67 -26.23 31.67
CA PRO B 114 -10.24 -27.59 31.69
C PRO B 114 -10.83 -28.07 30.37
N GLU B 115 -11.64 -27.25 29.70
CA GLU B 115 -12.39 -27.73 28.54
C GLU B 115 -12.03 -27.08 27.20
N LYS B 116 -12.61 -27.64 26.15
CA LYS B 116 -12.32 -27.29 24.75
C LYS B 116 -12.46 -25.81 24.39
N GLN B 117 -13.64 -25.26 24.62
CA GLN B 117 -13.95 -23.92 24.13
C GLN B 117 -13.79 -22.83 25.19
N GLU B 118 -13.10 -23.15 26.27
CA GLU B 118 -12.70 -22.12 27.23
C GLU B 118 -11.30 -21.63 26.87
N GLN B 119 -10.45 -22.57 26.48
CA GLN B 119 -9.07 -22.28 26.10
C GLN B 119 -8.98 -21.22 25.01
N LEU B 120 -9.86 -21.34 24.02
CA LEU B 120 -9.82 -20.48 22.85
C LEU B 120 -10.05 -19.01 23.22
N ALA B 121 -11.11 -18.74 23.97
CA ALA B 121 -11.42 -17.37 24.38
C ALA B 121 -10.37 -16.85 25.35
N ALA B 122 -9.81 -17.74 26.15
CA ALA B 122 -8.72 -17.39 27.05
C ALA B 122 -7.51 -16.95 26.23
N ILE B 123 -7.20 -17.71 25.19
CA ILE B 123 -6.09 -17.37 24.29
C ILE B 123 -6.29 -15.98 23.69
N TYR B 124 -7.49 -15.74 23.16
CA TYR B 124 -7.80 -14.47 22.54
C TYR B 124 -7.88 -13.33 23.55
N ALA B 125 -8.24 -13.66 24.79
CA ALA B 125 -8.24 -12.66 25.86
C ALA B 125 -6.82 -12.18 26.13
N VAL B 126 -5.87 -13.10 26.07
CA VAL B 126 -4.47 -12.75 26.30
C VAL B 126 -3.94 -11.93 25.14
N LEU B 127 -4.39 -12.24 23.93
CA LEU B 127 -3.97 -11.52 22.73
C LEU B 127 -4.24 -10.01 22.82
N GLU B 128 -5.25 -9.63 23.60
CA GLU B 128 -5.64 -8.23 23.70
C GLU B 128 -4.84 -7.50 24.79
N HIS B 129 -3.85 -8.19 25.36
CA HIS B 129 -2.95 -7.57 26.34
C HIS B 129 -1.63 -7.21 25.68
N LEU B 130 -1.45 -7.67 24.43
CA LEU B 130 -0.24 -7.41 23.67
C LEU B 130 -0.12 -5.95 23.26
N PRO B 131 1.12 -5.45 23.18
CA PRO B 131 1.35 -4.12 22.61
C PRO B 131 0.96 -4.11 21.14
N GLU B 132 0.47 -2.98 20.62
CA GLU B 132 -0.05 -2.93 19.26
C GLU B 132 1.00 -3.32 18.23
N ALA B 133 2.27 -3.01 18.49
CA ALA B 133 3.35 -3.38 17.60
C ALA B 133 3.44 -4.89 17.46
N ASN B 134 3.36 -5.59 18.59
CA ASN B 134 3.35 -7.05 18.60
C ASN B 134 2.08 -7.62 17.97
N HIS B 135 0.95 -6.99 18.27
CA HIS B 135 -0.34 -7.44 17.79
C HIS B 135 -0.42 -7.39 16.27
N ASN B 136 0.13 -6.34 15.68
CA ASN B 136 0.10 -6.17 14.23
C ASN B 136 0.92 -7.23 13.52
N SER B 137 2.08 -7.56 14.06
CA SER B 137 2.96 -8.55 13.43
C SER B 137 2.39 -9.96 13.56
N LEU B 138 1.90 -10.29 14.74
CA LEU B 138 1.32 -11.61 14.98
C LEU B 138 0.07 -11.82 14.14
N GLU B 139 -0.73 -10.77 14.01
CA GLU B 139 -1.92 -10.78 13.18
C GLU B 139 -1.56 -11.05 11.71
N ARG B 140 -0.55 -10.34 11.23
CA ARG B 140 -0.08 -10.51 9.86
C ARG B 140 0.48 -11.92 9.64
N LEU B 141 1.23 -12.41 10.62
CA LEU B 141 1.87 -13.72 10.51
C LEU B 141 0.87 -14.87 10.54
N ILE B 142 -0.08 -14.81 11.47
CA ILE B 142 -1.10 -15.83 11.59
C ILE B 142 -1.96 -15.86 10.32
N PHE B 143 -2.29 -14.68 9.81
CA PHE B 143 -2.97 -14.55 8.55
C PHE B 143 -2.19 -15.25 7.44
N HIS B 144 -0.87 -15.05 7.43
CA HIS B 144 0.00 -15.70 6.47
C HIS B 144 -0.06 -17.22 6.62
N LEU B 145 0.00 -17.70 7.86
CA LEU B 145 -0.03 -19.14 8.12
C LEU B 145 -1.36 -19.77 7.73
N VAL B 146 -2.44 -19.00 7.83
CA VAL B 146 -3.74 -19.47 7.37
C VAL B 146 -3.70 -19.69 5.87
N LYS B 147 -3.16 -18.72 5.14
CA LYS B 147 -3.04 -18.82 3.68
C LYS B 147 -2.25 -20.06 3.27
N VAL B 148 -1.18 -20.34 4.01
CA VAL B 148 -0.38 -21.54 3.80
C VAL B 148 -1.19 -22.80 4.09
N ALA B 149 -1.89 -22.79 5.22
CA ALA B 149 -2.64 -23.96 5.68
C ALA B 149 -3.82 -24.29 4.77
N LEU B 150 -4.31 -23.30 4.04
CA LEU B 150 -5.42 -23.51 3.11
C LEU B 150 -5.00 -24.34 1.91
N LEU B 151 -3.73 -24.24 1.54
CA LEU B 151 -3.20 -25.03 0.43
C LEU B 151 -2.48 -26.27 0.96
N GLU B 152 -2.98 -26.77 2.08
CA GLU B 152 -2.49 -27.98 2.73
CA GLU B 152 -2.41 -27.95 2.72
C GLU B 152 -2.35 -29.14 1.77
N ASP B 153 -3.36 -29.30 0.93
CA ASP B 153 -3.43 -30.43 0.00
C ASP B 153 -2.24 -30.48 -0.94
N VAL B 154 -1.58 -29.34 -1.11
CA VAL B 154 -0.46 -29.24 -2.04
C VAL B 154 0.87 -29.08 -1.32
N ASN B 155 0.94 -28.15 -0.36
CA ASN B 155 2.20 -27.88 0.32
C ASN B 155 2.40 -28.76 1.56
N ARG B 156 1.38 -29.53 1.91
CA ARG B 156 1.43 -30.51 2.99
C ARG B 156 1.68 -29.89 4.38
N MET B 157 1.46 -28.58 4.48
CA MET B 157 1.64 -27.89 5.75
C MET B 157 0.32 -27.64 6.46
N SER B 158 -0.02 -28.56 7.35
CA SER B 158 -1.20 -28.44 8.21
C SER B 158 -1.02 -27.34 9.24
N PRO B 159 -2.12 -26.90 9.89
CA PRO B 159 -1.98 -25.96 11.01
C PRO B 159 -1.13 -26.54 12.14
N GLY B 160 -1.23 -27.84 12.37
CA GLY B 160 -0.45 -28.52 13.38
C GLY B 160 1.03 -28.57 13.05
N ALA B 161 1.33 -28.79 11.77
CA ALA B 161 2.72 -28.83 11.33
C ALA B 161 3.37 -27.46 11.40
N LEU B 162 2.58 -26.41 11.12
CA LEU B 162 3.10 -25.04 11.17
C LEU B 162 3.26 -24.58 12.62
N ALA B 163 2.41 -25.09 13.50
CA ALA B 163 2.49 -24.76 14.93
C ALA B 163 3.79 -25.26 15.54
N ILE B 164 4.14 -26.51 15.26
CA ILE B 164 5.37 -27.12 15.76
C ILE B 164 6.60 -26.28 15.40
N ILE B 165 6.58 -25.76 14.18
CA ILE B 165 7.67 -24.96 13.64
C ILE B 165 7.70 -23.55 14.23
N PHE B 166 6.54 -22.90 14.28
CA PHE B 166 6.50 -21.48 14.63
C PHE B 166 6.33 -21.16 16.12
N ALA B 167 5.79 -22.10 16.89
CA ALA B 167 5.57 -21.85 18.32
C ALA B 167 6.85 -21.50 19.10
N PRO B 168 7.95 -22.25 18.91
CA PRO B 168 9.17 -21.85 19.63
C PRO B 168 9.71 -20.49 19.18
N CYS B 169 9.37 -20.09 17.96
CA CYS B 169 9.78 -18.78 17.45
C CYS B 169 8.98 -17.67 18.12
N LEU B 170 7.71 -17.94 18.38
CA LEU B 170 6.76 -16.94 18.85
C LEU B 170 6.64 -16.88 20.36
N LEU B 171 6.75 -18.05 21.01
CA LEU B 171 6.61 -18.13 22.46
C LEU B 171 7.86 -18.71 23.12
N ARG B 172 8.52 -17.90 23.93
CA ARG B 172 9.68 -18.34 24.70
C ARG B 172 9.54 -17.95 26.17
N CYS B 173 10.05 -18.82 27.04
CA CYS B 173 9.97 -18.60 28.48
C CYS B 173 11.10 -17.70 28.97
N PRO B 174 10.76 -16.73 29.84
CA PRO B 174 11.76 -15.87 30.49
C PRO B 174 12.49 -16.60 31.62
N ASP B 175 12.78 -15.88 32.70
CA ASP B 175 13.46 -16.44 33.86
C ASP B 175 14.80 -17.09 33.48
N LEU B 180 13.98 -28.18 32.56
CA LEU B 180 13.62 -28.26 33.98
C LEU B 180 12.13 -28.50 34.13
N THR B 181 11.36 -27.45 33.82
CA THR B 181 9.90 -27.55 33.73
C THR B 181 9.48 -26.98 32.40
N SER B 182 10.41 -26.98 31.45
CA SER B 182 10.25 -26.25 30.19
C SER B 182 9.90 -27.15 29.01
N MET B 183 10.05 -28.46 29.17
CA MET B 183 9.74 -29.40 28.10
C MET B 183 8.26 -29.76 28.12
N LYS B 184 7.60 -29.44 29.23
CA LYS B 184 6.16 -29.58 29.33
C LYS B 184 5.47 -28.49 28.50
N ASP B 185 6.03 -27.30 28.56
CA ASP B 185 5.44 -26.14 27.89
C ASP B 185 5.53 -26.22 26.37
N VAL B 186 6.37 -27.12 25.87
CA VAL B 186 6.52 -27.32 24.44
C VAL B 186 5.17 -27.61 23.77
N LEU B 187 4.42 -28.56 24.33
CA LEU B 187 3.10 -28.90 23.79
C LEU B 187 2.10 -27.79 24.03
N LYS B 188 2.22 -27.12 25.17
CA LYS B 188 1.31 -26.04 25.56
C LYS B 188 1.42 -24.84 24.61
N ILE B 189 2.65 -24.44 24.28
CA ILE B 189 2.82 -23.30 23.38
C ILE B 189 2.49 -23.68 21.95
N THR B 190 2.65 -24.96 21.62
CA THR B 190 2.38 -25.46 20.28
C THR B 190 0.88 -25.54 20.05
N THR B 191 0.17 -26.10 21.04
CA THR B 191 -1.29 -26.15 21.02
C THR B 191 -1.86 -24.74 20.92
N CYS B 192 -1.26 -23.82 21.68
CA CYS B 192 -1.66 -22.41 21.67
C CYS B 192 -1.63 -21.82 20.27
N VAL B 193 -0.51 -21.97 19.58
CA VAL B 193 -0.36 -21.41 18.24
C VAL B 193 -1.27 -22.13 17.24
N GLU B 194 -1.38 -23.44 17.37
CA GLU B 194 -2.22 -24.22 16.46
C GLU B 194 -3.69 -23.80 16.56
N MET B 195 -4.17 -23.59 17.79
CA MET B 195 -5.53 -23.15 18.01
C MET B 195 -5.77 -21.77 17.41
N LEU B 196 -4.73 -20.94 17.44
CA LEU B 196 -4.81 -19.62 16.81
C LEU B 196 -4.98 -19.73 15.31
N ILE B 197 -4.14 -20.55 14.69
CA ILE B 197 -4.20 -20.73 13.24
C ILE B 197 -5.53 -21.34 12.82
N LYS B 198 -5.95 -22.38 13.54
CA LYS B 198 -7.19 -23.09 13.22
C LYS B 198 -8.41 -22.18 13.28
N GLU B 199 -8.54 -21.41 14.35
CA GLU B 199 -9.72 -20.55 14.54
C GLU B 199 -9.75 -19.43 13.51
N GLN B 200 -8.60 -18.85 13.23
CA GLN B 200 -8.52 -17.79 12.21
C GLN B 200 -8.85 -18.35 10.83
N MET B 201 -8.50 -19.61 10.60
CA MET B 201 -8.82 -20.26 9.33
C MET B 201 -10.30 -20.60 9.24
N ARG B 202 -10.91 -20.95 10.37
CA ARG B 202 -12.33 -21.26 10.43
C ARG B 202 -13.14 -20.04 10.02
N LYS B 203 -12.73 -18.89 10.54
CA LYS B 203 -13.41 -17.63 10.26
C LYS B 203 -13.10 -17.15 8.84
N TYR B 204 -11.93 -17.52 8.34
CA TYR B 204 -11.56 -17.24 6.95
C TYR B 204 -12.55 -17.88 5.99
N LYS B 205 -12.85 -19.15 6.25
CA LYS B 205 -13.65 -19.96 5.33
C LYS B 205 -15.12 -19.53 5.28
N VAL B 206 -15.69 -19.24 6.44
CA VAL B 206 -17.10 -18.84 6.50
C VAL B 206 -17.32 -17.49 5.83
N LYS B 207 -16.32 -16.61 5.94
CA LYS B 207 -16.40 -15.30 5.31
C LYS B 207 -16.15 -15.43 3.81
N MET B 208 -15.40 -16.46 3.43
CA MET B 208 -15.06 -16.72 2.04
C MET B 208 -16.27 -17.23 1.26
N GLU B 209 -17.18 -17.92 1.95
CA GLU B 209 -18.40 -18.41 1.33
C GLU B 209 -19.34 -17.26 0.97
N GLU B 210 -19.19 -16.13 1.65
CA GLU B 210 -19.98 -14.95 1.33
C GLU B 210 -19.28 -14.12 0.25
N ILE B 211 -17.96 -14.05 0.35
CA ILE B 211 -17.13 -13.39 -0.65
C ILE B 211 -17.31 -14.01 -2.04
N SER B 212 -17.32 -15.34 -2.08
CA SER B 212 -17.36 -16.08 -3.35
C SER B 212 -18.68 -15.96 -4.09
N GLN B 213 -19.64 -15.25 -3.51
CA GLN B 213 -20.96 -15.15 -4.12
C GLN B 213 -21.10 -13.98 -5.09
N LEU B 214 -21.93 -14.17 -6.09
CA LEU B 214 -22.15 -13.19 -7.14
C LEU B 214 -23.43 -12.40 -6.88
N GLU B 215 -23.29 -11.21 -6.30
CA GLU B 215 -24.43 -10.39 -5.95
C GLU B 215 -24.04 -8.93 -5.73
N ALA B 216 -25.02 -8.02 -5.81
CA ALA B 216 -24.78 -6.62 -5.55
C ALA B 216 -25.19 -6.26 -4.12
N VAL C 9 -2.07 -4.43 -29.67
CA VAL C 9 -3.18 -3.66 -29.11
C VAL C 9 -3.53 -4.10 -27.69
N GLU C 10 -2.58 -4.75 -27.02
CA GLU C 10 -2.79 -5.22 -25.66
C GLU C 10 -3.06 -4.07 -24.68
N PRO C 11 -4.10 -4.22 -23.84
CA PRO C 11 -4.42 -3.21 -22.83
C PRO C 11 -3.31 -3.02 -21.82
N GLY C 12 -2.83 -1.79 -21.69
CA GLY C 12 -1.81 -1.46 -20.72
C GLY C 12 -2.31 -0.38 -19.77
N HIS C 13 -1.45 0.59 -19.50
CA HIS C 13 -1.79 1.66 -18.57
C HIS C 13 -1.92 3.01 -19.27
N PHE C 14 -1.49 3.07 -20.53
CA PHE C 14 -1.59 4.29 -21.31
C PHE C 14 -2.68 4.17 -22.37
N GLY C 15 -3.47 5.23 -22.53
CA GLY C 15 -4.54 5.26 -23.52
C GLY C 15 -5.76 4.48 -23.10
N VAL C 16 -5.85 4.18 -21.80
CA VAL C 16 -6.96 3.42 -21.26
C VAL C 16 -7.77 4.29 -20.30
N CYS C 17 -9.09 4.12 -20.33
CA CYS C 17 -9.99 4.86 -19.44
C CYS C 17 -9.54 4.74 -18.00
N VAL C 18 -9.61 5.85 -17.27
CA VAL C 18 -9.08 5.91 -15.91
C VAL C 18 -9.80 4.92 -15.00
N ASP C 19 -11.06 4.64 -15.30
CA ASP C 19 -11.86 3.72 -14.50
C ASP C 19 -11.36 2.28 -14.60
N SER C 20 -10.72 1.96 -15.72
CA SER C 20 -10.24 0.60 -15.96
C SER C 20 -8.85 0.36 -15.39
N LEU C 21 -8.34 1.33 -14.63
N LEU C 21 -8.34 1.33 -14.64
CA LEU C 21 -7.02 1.22 -14.03
CA LEU C 21 -7.01 1.23 -14.05
C LEU C 21 -7.08 1.23 -12.51
C LEU C 21 -7.06 1.26 -12.52
N THR C 22 -8.17 1.75 -11.98
N THR C 22 -8.18 1.74 -11.99
CA THR C 22 -8.33 1.92 -10.54
CA THR C 22 -8.33 1.92 -10.54
C THR C 22 -8.67 0.62 -9.83
C THR C 22 -8.69 0.63 -9.82
N SER C 23 -8.45 0.60 -8.51
CA SER C 23 -8.87 -0.52 -7.68
C SER C 23 -10.28 -0.23 -7.18
N ASP C 24 -10.84 0.86 -7.68
CA ASP C 24 -12.23 1.28 -7.44
C ASP C 24 -12.53 1.60 -5.97
N LYS C 25 -11.49 1.73 -5.17
CA LYS C 25 -11.66 2.11 -3.77
C LYS C 25 -10.69 3.23 -3.40
N ALA C 26 -9.48 3.17 -3.95
CA ALA C 26 -8.45 4.15 -3.64
C ALA C 26 -8.85 5.60 -3.98
N SER C 27 -9.35 5.91 -5.18
CA SER C 27 -9.41 5.04 -6.36
C SER C 27 -8.54 5.64 -7.44
N VAL C 28 -7.22 5.47 -7.28
CA VAL C 28 -6.26 6.11 -8.18
C VAL C 28 -5.39 5.07 -8.89
N PRO C 29 -5.22 5.24 -10.21
CA PRO C 29 -4.38 4.35 -11.02
C PRO C 29 -2.98 4.18 -10.43
N ILE C 30 -2.45 2.96 -10.51
CA ILE C 30 -1.14 2.65 -9.96
C ILE C 30 -0.03 3.49 -10.59
N VAL C 31 -0.09 3.66 -11.90
CA VAL C 31 0.93 4.43 -12.62
C VAL C 31 0.96 5.89 -12.17
N LEU C 32 -0.22 6.49 -12.04
CA LEU C 32 -0.32 7.88 -11.60
C LEU C 32 0.27 8.06 -10.20
N GLU C 33 -0.09 7.15 -9.30
CA GLU C 33 0.41 7.18 -7.93
C GLU C 33 1.94 7.02 -7.91
N LYS C 34 2.44 6.06 -8.68
CA LYS C 34 3.87 5.77 -8.70
C LYS C 34 4.68 6.95 -9.24
N LEU C 35 4.20 7.56 -10.32
CA LEU C 35 4.87 8.71 -10.91
C LEU C 35 4.89 9.91 -9.97
N LEU C 36 3.74 10.22 -9.39
CA LEU C 36 3.62 11.38 -8.50
C LEU C 36 4.41 11.18 -7.21
N GLU C 37 4.31 10.00 -6.62
CA GLU C 37 4.98 9.69 -5.36
C GLU C 37 6.49 9.82 -5.52
N HIS C 38 7.00 9.40 -6.67
CA HIS C 38 8.44 9.47 -6.93
C HIS C 38 8.91 10.92 -7.03
N VAL C 39 8.16 11.73 -7.77
CA VAL C 39 8.49 13.15 -7.93
C VAL C 39 8.48 13.85 -6.57
N GLU C 40 7.50 13.53 -5.74
CA GLU C 40 7.42 14.08 -4.39
C GLU C 40 8.59 13.58 -3.54
N MET C 41 9.08 12.39 -3.87
CA MET C 41 10.12 11.75 -3.09
C MET C 41 11.52 12.09 -3.63
N HIS C 42 11.59 12.66 -4.83
CA HIS C 42 12.89 12.88 -5.47
C HIS C 42 13.04 14.18 -6.25
N GLY C 43 11.95 14.87 -6.56
CA GLY C 43 12.01 15.95 -7.52
C GLY C 43 11.50 17.32 -7.14
N LEU C 44 11.02 17.47 -5.91
CA LEU C 44 10.38 18.73 -5.50
C LEU C 44 11.36 19.89 -5.37
N TYR C 45 12.66 19.62 -5.47
CA TYR C 45 13.67 20.67 -5.42
C TYR C 45 14.15 21.04 -6.82
N THR C 46 13.72 20.28 -7.82
CA THR C 46 14.22 20.44 -9.18
C THR C 46 13.69 21.70 -9.86
N GLU C 47 14.60 22.59 -10.26
CA GLU C 47 14.21 23.80 -10.98
C GLU C 47 13.51 23.46 -12.30
N GLY C 48 12.41 24.14 -12.56
CA GLY C 48 11.69 23.96 -13.81
C GLY C 48 10.94 22.63 -13.88
N LEU C 49 10.63 22.08 -12.70
CA LEU C 49 9.87 20.84 -12.62
C LEU C 49 8.55 20.98 -13.36
N TYR C 50 8.33 20.09 -14.34
CA TYR C 50 7.17 20.08 -15.24
C TYR C 50 7.20 21.16 -16.32
N ARG C 51 8.09 22.13 -16.20
CA ARG C 51 8.27 23.09 -17.29
C ARG C 51 9.34 22.60 -18.25
N LYS C 52 10.46 22.16 -17.71
CA LYS C 52 11.56 21.65 -18.52
C LYS C 52 11.20 20.29 -19.12
N SER C 53 11.59 20.08 -20.37
CA SER C 53 11.32 18.82 -21.04
C SER C 53 12.51 17.89 -20.93
N GLY C 54 12.24 16.62 -20.63
CA GLY C 54 13.29 15.62 -20.55
C GLY C 54 13.69 15.16 -21.93
N ALA C 55 14.63 14.23 -21.99
CA ALA C 55 15.06 13.67 -23.27
C ALA C 55 13.88 12.95 -23.92
N ALA C 56 13.56 13.36 -25.15
CA ALA C 56 12.39 12.81 -25.85
C ALA C 56 12.47 11.30 -26.00
N ASN C 57 13.66 10.80 -26.33
CA ASN C 57 13.88 9.36 -26.46
C ASN C 57 13.78 8.63 -25.12
N ARG C 58 14.40 9.22 -24.09
CA ARG C 58 14.38 8.64 -22.74
C ARG C 58 12.96 8.63 -22.20
N THR C 59 12.18 9.65 -22.56
CA THR C 59 10.78 9.74 -22.17
C THR C 59 9.97 8.64 -22.85
N ARG C 60 10.27 8.39 -24.12
CA ARG C 60 9.57 7.36 -24.88
C ARG C 60 9.87 5.96 -24.33
N GLU C 61 11.10 5.79 -23.85
CA GLU C 61 11.50 4.52 -23.25
C GLU C 61 10.77 4.26 -21.93
N LEU C 62 10.58 5.31 -21.15
CA LEU C 62 9.90 5.19 -19.86
C LEU C 62 8.42 4.90 -20.05
N ARG C 63 7.84 5.48 -21.09
CA ARG C 63 6.43 5.26 -21.39
C ARG C 63 6.18 3.80 -21.77
N GLN C 64 7.14 3.19 -22.45
CA GLN C 64 6.99 1.81 -22.90
C GLN C 64 7.25 0.84 -21.74
N ALA C 65 8.14 1.22 -20.84
CA ALA C 65 8.43 0.42 -19.66
C ALA C 65 7.26 0.43 -18.69
N LEU C 66 6.60 1.58 -18.58
CA LEU C 66 5.44 1.72 -17.70
C LEU C 66 4.16 1.22 -18.36
N GLN C 67 4.23 0.92 -19.64
CA GLN C 67 3.07 0.47 -20.40
C GLN C 67 2.65 -0.94 -20.00
N THR C 68 3.64 -1.77 -19.64
CA THR C 68 3.38 -3.17 -19.34
C THR C 68 3.37 -3.46 -17.85
N ASP C 69 4.54 -3.44 -17.22
CA ASP C 69 4.66 -3.75 -15.80
C ASP C 69 5.23 -2.56 -15.03
N PRO C 70 4.36 -1.61 -14.63
CA PRO C 70 4.74 -0.35 -13.99
C PRO C 70 5.42 -0.54 -12.64
N ALA C 71 4.95 -1.51 -11.85
CA ALA C 71 5.47 -1.73 -10.51
C ALA C 71 6.96 -2.06 -10.52
N ALA C 72 7.36 -2.92 -11.46
CA ALA C 72 8.74 -3.39 -11.54
C ALA C 72 9.70 -2.29 -11.99
N VAL C 73 9.17 -1.25 -12.61
CA VAL C 73 9.98 -0.14 -13.09
C VAL C 73 10.68 0.59 -11.96
N LYS C 74 12.01 0.57 -11.98
CA LYS C 74 12.79 1.31 -11.00
C LYS C 74 13.05 2.72 -11.52
N LEU C 75 12.16 3.64 -11.16
CA LEU C 75 12.15 5.00 -11.71
C LEU C 75 13.44 5.78 -11.48
N GLU C 76 14.22 5.41 -10.46
CA GLU C 76 15.45 6.14 -10.15
C GLU C 76 16.48 5.98 -11.26
N ASN C 77 16.29 4.96 -12.11
CA ASN C 77 17.15 4.75 -13.27
C ASN C 77 16.84 5.71 -14.40
N PHE C 78 15.77 6.48 -14.25
CA PHE C 78 15.35 7.44 -15.25
C PHE C 78 15.54 8.88 -14.76
N PRO C 79 15.91 9.79 -15.68
CA PRO C 79 16.05 11.22 -15.35
C PRO C 79 14.72 11.84 -14.92
N ILE C 80 14.79 12.82 -14.03
CA ILE C 80 13.59 13.38 -13.41
C ILE C 80 12.68 14.09 -14.42
N HIS C 81 13.28 14.75 -15.41
CA HIS C 81 12.50 15.49 -16.41
C HIS C 81 11.83 14.59 -17.42
N ALA C 82 12.32 13.35 -17.51
CA ALA C 82 11.67 12.34 -18.34
C ALA C 82 10.46 11.79 -17.59
N ILE C 83 10.59 11.67 -16.28
CA ILE C 83 9.51 11.17 -15.43
C ILE C 83 8.33 12.13 -15.43
N THR C 84 8.62 13.42 -15.42
CA THR C 84 7.60 14.44 -15.49
C THR C 84 6.94 14.44 -16.87
N GLY C 85 7.75 14.27 -17.90
CA GLY C 85 7.27 14.23 -19.27
C GLY C 85 6.31 13.08 -19.51
N VAL C 86 6.59 11.94 -18.92
CA VAL C 86 5.73 10.76 -19.05
C VAL C 86 4.43 10.96 -18.28
N LEU C 87 4.49 11.72 -17.19
CA LEU C 87 3.28 12.00 -16.41
C LEU C 87 2.30 12.82 -17.21
N LYS C 88 2.78 13.96 -17.72
CA LYS C 88 1.98 14.82 -18.58
C LYS C 88 1.48 14.05 -19.80
N GLN C 89 2.33 13.20 -20.35
CA GLN C 89 1.97 12.39 -21.50
C GLN C 89 0.86 11.39 -21.15
N TRP C 90 0.91 10.88 -19.93
CA TRP C 90 -0.13 9.96 -19.46
C TRP C 90 -1.48 10.66 -19.38
N LEU C 91 -1.47 11.93 -18.98
CA LEU C 91 -2.68 12.71 -18.83
C LEU C 91 -3.39 12.98 -20.16
N ARG C 92 -2.63 13.36 -21.18
CA ARG C 92 -3.16 13.71 -22.50
CA ARG C 92 -3.27 13.71 -22.45
C ARG C 92 -3.52 12.49 -23.33
N GLU C 93 -3.01 11.33 -22.94
CA GLU C 93 -3.29 10.11 -23.69
C GLU C 93 -4.56 9.41 -23.19
N LEU C 94 -5.11 9.89 -22.08
CA LEU C 94 -6.41 9.43 -21.61
C LEU C 94 -7.46 9.74 -22.67
N PRO C 95 -8.26 8.72 -23.05
CA PRO C 95 -9.27 8.85 -24.10
C PRO C 95 -10.25 9.99 -23.80
N GLU C 96 -10.48 10.21 -22.52
CA GLU C 96 -11.21 11.37 -22.05
C GLU C 96 -10.36 12.13 -21.05
N PRO C 97 -10.27 13.46 -21.21
CA PRO C 97 -9.54 14.30 -20.25
C PRO C 97 -10.02 14.07 -18.84
N LEU C 98 -9.12 14.19 -17.88
CA LEU C 98 -9.41 13.81 -16.50
C LEU C 98 -10.63 14.53 -15.94
N MET C 99 -10.81 15.79 -16.32
CA MET C 99 -11.92 16.58 -15.81
C MET C 99 -13.18 16.42 -16.68
N THR C 100 -13.13 15.42 -17.56
CA THR C 100 -14.25 14.94 -18.38
C THR C 100 -14.78 15.94 -19.42
N PHE C 101 -15.35 15.37 -20.48
CA PHE C 101 -15.98 16.15 -21.54
C PHE C 101 -17.28 16.77 -21.06
N ALA C 102 -18.08 15.98 -20.37
CA ALA C 102 -19.44 16.37 -19.97
C ALA C 102 -19.46 17.58 -19.03
N GLN C 103 -18.42 17.73 -18.21
CA GLN C 103 -18.39 18.82 -17.23
C GLN C 103 -17.57 20.00 -17.73
N TYR C 104 -17.01 19.88 -18.93
CA TYR C 104 -16.12 20.88 -19.50
C TYR C 104 -16.76 22.27 -19.57
N GLY C 105 -17.97 22.32 -20.12
CA GLY C 105 -18.69 23.58 -20.25
C GLY C 105 -18.99 24.23 -18.91
N ASP C 106 -19.31 23.41 -17.91
CA ASP C 106 -19.66 23.94 -16.59
C ASP C 106 -18.44 24.51 -15.87
N PHE C 107 -17.27 23.95 -16.13
CA PHE C 107 -16.03 24.49 -15.57
C PHE C 107 -15.77 25.89 -16.11
N LEU C 108 -16.05 26.08 -17.41
CA LEU C 108 -15.89 27.39 -18.04
C LEU C 108 -16.91 28.40 -17.52
N ARG C 109 -18.16 27.97 -17.40
CA ARG C 109 -19.21 28.84 -16.85
C ARG C 109 -18.87 29.30 -15.43
N ALA C 110 -18.24 28.42 -14.67
CA ALA C 110 -17.81 28.76 -13.31
C ALA C 110 -16.80 29.90 -13.33
N VAL C 111 -15.83 29.80 -14.24
CA VAL C 111 -14.80 30.82 -14.41
C VAL C 111 -15.40 32.15 -14.87
N GLU C 112 -16.39 32.07 -15.75
CA GLU C 112 -16.98 33.27 -16.37
C GLU C 112 -17.90 34.04 -15.41
N LEU C 113 -17.99 33.61 -14.17
CA LEU C 113 -18.81 34.30 -13.16
C LEU C 113 -18.18 35.63 -12.76
N PRO C 114 -19.02 36.58 -12.31
CA PRO C 114 -18.55 37.91 -11.88
C PRO C 114 -17.49 37.88 -10.78
N GLU C 115 -17.93 37.78 -9.52
CA GLU C 115 -17.00 37.82 -8.38
C GLU C 115 -16.15 36.55 -8.27
N LYS C 116 -14.88 36.73 -7.91
CA LYS C 116 -13.93 35.62 -7.86
C LYS C 116 -14.31 34.56 -6.82
N GLN C 117 -15.00 34.96 -5.77
CA GLN C 117 -15.40 34.03 -4.72
C GLN C 117 -16.49 33.08 -5.21
N GLU C 118 -17.40 33.61 -6.03
CA GLU C 118 -18.47 32.78 -6.60
C GLU C 118 -17.91 31.91 -7.72
N GLN C 119 -16.87 32.40 -8.40
CA GLN C 119 -16.16 31.59 -9.38
C GLN C 119 -15.59 30.35 -8.69
N LEU C 120 -15.00 30.57 -7.52
CA LEU C 120 -14.38 29.52 -6.74
C LEU C 120 -15.39 28.48 -6.28
N ALA C 121 -16.48 28.93 -5.67
CA ALA C 121 -17.49 28.03 -5.14
C ALA C 121 -18.14 27.20 -6.25
N ALA C 122 -18.30 27.81 -7.42
CA ALA C 122 -18.92 27.13 -8.55
C ALA C 122 -18.01 26.04 -9.11
N ILE C 123 -16.72 26.34 -9.21
CA ILE C 123 -15.73 25.36 -9.65
C ILE C 123 -15.79 24.09 -8.78
N TYR C 124 -15.91 24.27 -7.47
CA TYR C 124 -15.97 23.14 -6.55
C TYR C 124 -17.31 22.42 -6.62
N ALA C 125 -18.34 23.15 -7.04
CA ALA C 125 -19.65 22.53 -7.25
C ALA C 125 -19.61 21.57 -8.43
N VAL C 126 -18.83 21.92 -9.45
CA VAL C 126 -18.72 21.09 -10.65
C VAL C 126 -17.98 19.79 -10.33
N LEU C 127 -16.94 19.89 -9.49
CA LEU C 127 -16.15 18.74 -9.08
C LEU C 127 -17.02 17.62 -8.48
N GLU C 128 -18.07 18.04 -7.77
CA GLU C 128 -19.05 17.13 -7.16
C GLU C 128 -19.66 16.16 -8.20
N HIS C 129 -19.77 16.63 -9.44
CA HIS C 129 -20.42 15.87 -10.50
C HIS C 129 -19.47 14.89 -11.20
N LEU C 130 -18.17 15.07 -10.97
CA LEU C 130 -17.17 14.18 -11.55
C LEU C 130 -17.33 12.74 -11.05
N PRO C 131 -17.13 11.76 -11.93
CA PRO C 131 -17.07 10.35 -11.52
C PRO C 131 -15.97 10.11 -10.50
N GLU C 132 -16.12 9.07 -9.68
CA GLU C 132 -15.20 8.82 -8.57
C GLU C 132 -13.75 8.66 -9.02
N ALA C 133 -13.55 7.87 -10.09
CA ALA C 133 -12.21 7.63 -10.61
C ALA C 133 -11.54 8.93 -11.04
N ASN C 134 -12.30 9.80 -11.69
CA ASN C 134 -11.81 11.09 -12.14
C ASN C 134 -11.60 12.06 -10.98
N HIS C 135 -12.53 12.05 -10.03
CA HIS C 135 -12.45 12.92 -8.87
C HIS C 135 -11.21 12.61 -8.03
N ASN C 136 -11.00 11.33 -7.74
CA ASN C 136 -9.90 10.92 -6.88
C ASN C 136 -8.54 11.16 -7.53
N SER C 137 -8.46 10.94 -8.84
CA SER C 137 -7.21 11.16 -9.56
C SER C 137 -6.87 12.65 -9.64
N LEU C 138 -7.88 13.47 -9.92
CA LEU C 138 -7.70 14.91 -9.96
C LEU C 138 -7.31 15.42 -8.57
N GLU C 139 -8.00 14.91 -7.56
CA GLU C 139 -7.71 15.21 -6.16
C GLU C 139 -6.24 14.93 -5.82
N ARG C 140 -5.76 13.76 -6.24
CA ARG C 140 -4.38 13.36 -6.01
C ARG C 140 -3.39 14.25 -6.76
N LEU C 141 -3.75 14.65 -7.97
CA LEU C 141 -2.87 15.47 -8.80
C LEU C 141 -2.77 16.91 -8.31
N ILE C 142 -3.90 17.51 -7.96
CA ILE C 142 -3.92 18.87 -7.43
C ILE C 142 -3.14 18.94 -6.11
N PHE C 143 -3.33 17.93 -5.28
CA PHE C 143 -2.55 17.77 -4.05
C PHE C 143 -1.06 17.74 -4.39
N HIS C 144 -0.70 17.00 -5.42
CA HIS C 144 0.68 16.93 -5.89
C HIS C 144 1.18 18.31 -6.35
N LEU C 145 0.37 19.00 -7.14
CA LEU C 145 0.77 20.31 -7.65
C LEU C 145 0.87 21.35 -6.53
N VAL C 146 0.14 21.13 -5.45
CA VAL C 146 0.24 22.02 -4.29
C VAL C 146 1.61 21.87 -3.64
N LYS C 147 2.07 20.63 -3.49
CA LYS C 147 3.38 20.36 -2.91
C LYS C 147 4.50 20.98 -3.74
N VAL C 148 4.31 21.02 -5.05
CA VAL C 148 5.29 21.63 -5.94
C VAL C 148 5.30 23.15 -5.75
N ALA C 149 4.12 23.76 -5.76
CA ALA C 149 4.02 25.22 -5.67
C ALA C 149 4.52 25.77 -4.33
N LEU C 150 4.46 24.96 -3.28
CA LEU C 150 4.95 25.36 -1.97
C LEU C 150 6.47 25.53 -1.96
N LEU C 151 7.14 24.79 -2.84
CA LEU C 151 8.59 24.88 -2.96
C LEU C 151 8.98 25.74 -4.15
N GLU C 152 8.12 26.70 -4.49
CA GLU C 152 8.36 27.59 -5.62
C GLU C 152 9.65 28.36 -5.48
N ASP C 153 10.00 28.73 -4.25
CA ASP C 153 11.24 29.47 -3.99
C ASP C 153 12.45 28.72 -4.51
N VAL C 154 12.35 27.40 -4.56
CA VAL C 154 13.47 26.56 -4.97
C VAL C 154 13.26 25.96 -6.36
N ASN C 155 12.08 25.41 -6.62
CA ASN C 155 11.86 24.74 -7.90
C ASN C 155 11.33 25.68 -8.99
N ARG C 156 11.13 26.95 -8.63
CA ARG C 156 10.76 28.02 -9.57
C ARG C 156 9.38 27.82 -10.22
N MET C 157 8.55 26.97 -9.65
CA MET C 157 7.25 26.68 -10.25
C MET C 157 6.09 27.26 -9.44
N SER C 158 5.47 28.31 -9.98
CA SER C 158 4.32 28.95 -9.36
C SER C 158 3.05 28.17 -9.66
N PRO C 159 1.96 28.42 -8.90
CA PRO C 159 0.67 27.80 -9.23
C PRO C 159 0.18 28.18 -10.62
N GLY C 160 0.48 29.41 -11.04
CA GLY C 160 0.08 29.89 -12.35
C GLY C 160 0.82 29.18 -13.47
N ALA C 161 2.13 29.00 -13.29
CA ALA C 161 2.95 28.32 -14.27
C ALA C 161 2.54 26.85 -14.40
N LEU C 162 2.27 26.21 -13.27
CA LEU C 162 1.80 24.83 -13.28
C LEU C 162 0.44 24.73 -13.97
N ALA C 163 -0.38 25.76 -13.80
CA ALA C 163 -1.70 25.78 -14.41
C ALA C 163 -1.62 25.85 -15.93
N ILE C 164 -0.78 26.75 -16.43
CA ILE C 164 -0.52 26.88 -17.86
C ILE C 164 -0.13 25.53 -18.47
N ILE C 165 0.70 24.78 -17.76
CA ILE C 165 1.21 23.51 -18.25
C ILE C 165 0.19 22.37 -18.15
N PHE C 166 -0.55 22.34 -17.06
CA PHE C 166 -1.43 21.20 -16.79
C PHE C 166 -2.88 21.37 -17.27
N ALA C 167 -3.33 22.61 -17.43
CA ALA C 167 -4.73 22.85 -17.82
C ALA C 167 -5.12 22.19 -19.15
N PRO C 168 -4.30 22.33 -20.21
CA PRO C 168 -4.73 21.65 -21.44
C PRO C 168 -4.66 20.13 -21.34
N CYS C 169 -3.91 19.61 -20.37
CA CYS C 169 -3.87 18.17 -20.15
C CYS C 169 -5.16 17.69 -19.49
N LEU C 170 -5.75 18.56 -18.67
CA LEU C 170 -6.86 18.18 -17.82
C LEU C 170 -8.23 18.64 -18.36
N LEU C 171 -8.24 19.81 -18.97
CA LEU C 171 -9.48 20.36 -19.53
C LEU C 171 -9.43 20.45 -21.05
N ARG C 172 -10.16 19.55 -21.72
CA ARG C 172 -10.22 19.50 -23.17
CA ARG C 172 -10.22 19.54 -23.17
C ARG C 172 -11.66 19.54 -23.67
N CYS C 173 -11.95 20.42 -24.62
CA CYS C 173 -13.29 20.52 -25.18
C CYS C 173 -13.62 19.25 -25.96
N PRO C 174 -14.92 18.87 -25.98
CA PRO C 174 -15.40 17.66 -26.65
C PRO C 174 -14.86 17.46 -28.06
N ASP C 175 -14.05 16.42 -28.23
CA ASP C 175 -13.44 16.06 -29.52
C ASP C 175 -12.68 17.22 -30.15
N SER C 182 -11.98 26.96 -30.67
CA SER C 182 -12.07 27.02 -29.21
C SER C 182 -10.70 27.28 -28.58
N MET C 183 -10.01 28.31 -29.06
CA MET C 183 -8.71 28.69 -28.53
C MET C 183 -8.84 29.94 -27.68
N LYS C 184 -10.06 30.47 -27.61
CA LYS C 184 -10.36 31.63 -26.78
C LYS C 184 -10.70 31.19 -25.37
N ASP C 185 -10.60 29.87 -25.13
CA ASP C 185 -10.90 29.29 -23.84
C ASP C 185 -9.62 28.87 -23.10
N VAL C 186 -8.49 29.13 -23.73
CA VAL C 186 -7.19 28.78 -23.15
C VAL C 186 -6.98 29.40 -21.78
N LEU C 187 -7.16 30.71 -21.70
CA LEU C 187 -6.99 31.43 -20.45
C LEU C 187 -8.03 31.01 -19.41
N LYS C 188 -9.19 30.60 -19.89
CA LYS C 188 -10.28 30.20 -19.00
C LYS C 188 -9.99 28.87 -18.30
N ILE C 189 -9.48 27.90 -19.04
CA ILE C 189 -9.20 26.59 -18.44
C ILE C 189 -7.96 26.67 -17.54
N THR C 190 -7.08 27.62 -17.83
CA THR C 190 -5.89 27.80 -17.02
C THR C 190 -6.27 28.43 -15.69
N THR C 191 -7.14 29.43 -15.74
CA THR C 191 -7.65 30.08 -14.54
C THR C 191 -8.38 29.09 -13.64
N CYS C 192 -9.18 28.21 -14.25
CA CYS C 192 -9.89 27.16 -13.52
C CYS C 192 -8.93 26.28 -12.72
N VAL C 193 -7.86 25.85 -13.37
CA VAL C 193 -6.86 24.99 -12.75
C VAL C 193 -6.02 25.75 -11.74
N GLU C 194 -5.68 26.99 -12.06
CA GLU C 194 -4.89 27.83 -11.15
C GLU C 194 -5.65 28.12 -9.87
N MET C 195 -6.95 28.37 -9.98
CA MET C 195 -7.77 28.66 -8.81
C MET C 195 -7.95 27.44 -7.93
N LEU C 196 -7.84 26.25 -8.53
CA LEU C 196 -7.90 25.02 -7.76
C LEU C 196 -6.63 24.85 -6.94
N ILE C 197 -5.48 25.04 -7.57
CA ILE C 197 -4.21 24.90 -6.88
C ILE C 197 -4.06 25.95 -5.79
N LYS C 198 -4.36 27.20 -6.13
CA LYS C 198 -4.26 28.30 -5.18
C LYS C 198 -5.12 28.07 -3.93
N GLU C 199 -6.35 27.62 -4.13
CA GLU C 199 -7.27 27.44 -3.02
C GLU C 199 -6.90 26.23 -2.15
N GLN C 200 -6.45 25.16 -2.80
CA GLN C 200 -6.00 23.98 -2.07
C GLN C 200 -4.73 24.30 -1.29
N MET C 201 -3.89 25.17 -1.86
CA MET C 201 -2.65 25.57 -1.19
C MET C 201 -2.95 26.49 -0.01
N ARG C 202 -3.98 27.32 -0.13
CA ARG C 202 -4.37 28.21 0.94
C ARG C 202 -4.85 27.41 2.15
N LYS C 203 -5.65 26.40 1.89
CA LYS C 203 -6.13 25.50 2.93
C LYS C 203 -4.99 24.66 3.50
N TYR C 204 -4.00 24.34 2.65
CA TYR C 204 -2.83 23.59 3.08
C TYR C 204 -2.07 24.36 4.16
N LYS C 205 -1.89 25.65 3.93
CA LYS C 205 -1.08 26.46 4.83
C LYS C 205 -1.76 26.68 6.19
N VAL C 206 -3.09 26.77 6.17
CA VAL C 206 -3.84 26.98 7.40
C VAL C 206 -3.72 25.78 8.34
N LYS C 207 -4.05 24.60 7.83
CA LYS C 207 -4.09 23.40 8.67
C LYS C 207 -2.68 22.89 8.96
N MET C 208 -1.69 23.42 8.25
CA MET C 208 -0.30 23.09 8.51
C MET C 208 0.14 23.74 9.83
N GLU C 209 -0.39 24.94 10.08
CA GLU C 209 -0.16 25.64 11.34
C GLU C 209 -0.68 24.83 12.52
N GLU C 210 -1.79 24.12 12.32
CA GLU C 210 -2.35 23.27 13.36
C GLU C 210 -1.45 22.07 13.61
N ILE C 211 -0.91 21.52 12.52
CA ILE C 211 -0.02 20.37 12.58
C ILE C 211 1.23 20.66 13.40
N SER C 212 1.85 21.81 13.13
CA SER C 212 3.10 22.18 13.79
C SER C 212 2.95 22.34 15.29
N GLN C 213 1.74 22.65 15.74
CA GLN C 213 1.48 22.88 17.15
C GLN C 213 1.79 21.67 18.01
N LEU C 214 2.74 21.83 18.92
CA LEU C 214 3.12 20.78 19.85
C LEU C 214 2.09 20.70 20.97
N GLU C 215 1.16 19.78 20.84
CA GLU C 215 0.04 19.67 21.77
C GLU C 215 -0.62 18.30 21.60
N ALA C 216 -1.25 17.81 22.67
CA ALA C 216 -1.95 16.53 22.62
C ALA C 216 -2.96 16.49 21.48
N HIS D 13 24.85 34.16 19.68
CA HIS D 13 23.76 33.24 19.32
C HIS D 13 24.08 31.81 19.74
N PHE D 14 25.36 31.51 19.92
CA PHE D 14 25.79 30.22 20.44
C PHE D 14 26.20 30.34 21.91
N GLY D 15 25.79 29.38 22.72
CA GLY D 15 26.08 29.41 24.14
C GLY D 15 25.25 30.44 24.88
N VAL D 16 24.23 30.95 24.18
CA VAL D 16 23.34 31.96 24.73
C VAL D 16 21.98 31.35 25.09
N CYS D 17 21.43 31.76 26.24
CA CYS D 17 20.13 31.28 26.70
C CYS D 17 19.07 31.42 25.62
N VAL D 18 18.26 30.37 25.46
CA VAL D 18 17.24 30.33 24.41
C VAL D 18 16.20 31.44 24.59
N ASP D 19 15.95 31.83 25.84
CA ASP D 19 14.94 32.84 26.14
C ASP D 19 15.35 34.24 25.67
N SER D 20 16.66 34.49 25.61
CA SER D 20 17.16 35.83 25.27
C SER D 20 17.36 35.99 23.76
N LEU D 21 17.11 34.93 23.01
CA LEU D 21 17.19 34.98 21.55
C LEU D 21 15.80 35.06 20.94
N THR D 22 14.81 35.36 21.78
CA THR D 22 13.42 35.44 21.35
C THR D 22 12.80 36.78 21.70
N SER D 23 12.17 37.42 20.71
CA SER D 23 11.54 38.71 20.91
C SER D 23 10.05 38.65 20.61
N ASP D 24 9.41 39.82 20.60
CA ASP D 24 7.99 39.91 20.25
C ASP D 24 7.79 39.62 18.76
N LYS D 25 8.83 39.86 17.98
CA LYS D 25 8.80 39.57 16.55
C LYS D 25 8.92 38.06 16.32
N ALA D 26 10.12 37.53 16.47
CA ALA D 26 10.34 36.10 16.30
C ALA D 26 10.27 35.36 17.63
N SER D 27 9.27 34.48 17.74
CA SER D 27 9.13 33.63 18.92
C SER D 27 10.15 32.49 18.88
N VAL D 28 10.69 32.25 17.69
CA VAL D 28 11.73 31.25 17.49
C VAL D 28 13.04 31.96 17.15
N PRO D 29 14.13 31.59 17.83
CA PRO D 29 15.47 32.17 17.58
C PRO D 29 15.85 32.16 16.10
N ILE D 30 16.41 33.28 15.63
CA ILE D 30 16.70 33.47 14.21
C ILE D 30 17.62 32.38 13.64
N VAL D 31 18.65 32.02 14.40
CA VAL D 31 19.60 31.00 14.00
C VAL D 31 18.94 29.63 13.80
N LEU D 32 18.09 29.25 14.75
CA LEU D 32 17.40 27.97 14.68
C LEU D 32 16.45 27.92 13.48
N GLU D 33 15.64 28.96 13.33
CA GLU D 33 14.68 29.03 12.23
C GLU D 33 15.39 29.00 10.88
N LYS D 34 16.48 29.75 10.77
CA LYS D 34 17.22 29.84 9.51
C LYS D 34 17.81 28.51 9.09
N LEU D 35 18.46 27.82 10.02
CA LEU D 35 19.07 26.54 9.75
C LEU D 35 18.04 25.49 9.34
N LEU D 36 16.96 25.40 10.11
CA LEU D 36 15.93 24.40 9.85
C LEU D 36 15.19 24.67 8.53
N GLU D 37 14.93 25.94 8.24
CA GLU D 37 14.18 26.31 7.04
C GLU D 37 14.98 25.97 5.78
N HIS D 38 16.29 26.19 5.84
CA HIS D 38 17.16 25.85 4.72
C HIS D 38 17.18 24.34 4.47
N VAL D 39 17.32 23.58 5.54
CA VAL D 39 17.36 22.12 5.43
C VAL D 39 16.05 21.62 4.83
N GLU D 40 14.94 22.21 5.25
CA GLU D 40 13.62 21.86 4.71
C GLU D 40 13.48 22.27 3.24
N MET D 41 14.07 23.40 2.88
CA MET D 41 13.92 23.94 1.52
C MET D 41 14.95 23.36 0.54
N HIS D 42 15.92 22.60 1.03
CA HIS D 42 17.00 22.14 0.17
C HIS D 42 17.56 20.75 0.48
N GLY D 43 17.37 20.26 1.70
CA GLY D 43 18.11 19.09 2.14
C GLY D 43 17.35 17.87 2.63
N LEU D 44 16.04 17.84 2.46
CA LEU D 44 15.23 16.74 3.01
C LEU D 44 15.43 15.42 2.27
N TYR D 45 16.07 15.47 1.09
CA TYR D 45 16.33 14.27 0.30
C TYR D 45 17.69 13.66 0.62
N THR D 46 18.52 14.38 1.39
CA THR D 46 19.89 13.97 1.65
C THR D 46 19.95 12.74 2.56
N GLU D 47 20.59 11.68 2.06
CA GLU D 47 20.76 10.46 2.84
C GLU D 47 21.66 10.71 4.05
N GLY D 48 21.28 10.14 5.18
CA GLY D 48 22.06 10.29 6.40
C GLY D 48 21.98 11.70 6.97
N LEU D 49 20.88 12.38 6.68
CA LEU D 49 20.64 13.71 7.22
C LEU D 49 20.69 13.68 8.75
N TYR D 50 21.55 14.51 9.32
CA TYR D 50 21.81 14.58 10.77
C TYR D 50 22.52 13.36 11.33
N ARG D 51 22.82 12.39 10.49
CA ARG D 51 23.67 11.27 10.89
C ARG D 51 25.10 11.52 10.45
N LYS D 52 25.28 11.76 9.15
CA LYS D 52 26.59 12.11 8.60
C LYS D 52 27.08 13.45 9.15
N SER D 53 28.40 13.59 9.22
CA SER D 53 29.02 14.82 9.70
C SER D 53 29.71 15.56 8.56
N GLY D 54 29.79 16.88 8.67
CA GLY D 54 30.37 17.69 7.61
C GLY D 54 31.86 17.90 7.76
N ALA D 55 32.44 18.64 6.82
CA ALA D 55 33.86 18.98 6.86
C ALA D 55 34.17 19.76 8.13
N ALA D 56 35.35 19.50 8.69
CA ALA D 56 35.75 20.10 9.96
C ALA D 56 35.80 21.61 9.89
N ASN D 57 36.52 22.14 8.91
CA ASN D 57 36.75 23.58 8.81
C ASN D 57 35.49 24.35 8.42
N ARG D 58 34.76 23.87 7.42
CA ARG D 58 33.56 24.56 6.95
C ARG D 58 32.49 24.64 8.03
N THR D 59 32.52 23.71 8.97
CA THR D 59 31.53 23.67 10.05
C THR D 59 31.81 24.73 11.11
N ARG D 60 33.07 24.81 11.55
CA ARG D 60 33.46 25.84 12.51
C ARG D 60 33.41 27.21 11.84
N GLU D 61 33.62 27.22 10.53
CA GLU D 61 33.55 28.44 9.73
C GLU D 61 32.10 28.95 9.65
N LEU D 62 31.16 28.02 9.60
CA LEU D 62 29.75 28.37 9.52
C LEU D 62 29.24 28.92 10.85
N ARG D 63 29.69 28.30 11.94
CA ARG D 63 29.29 28.69 13.29
C ARG D 63 29.70 30.13 13.60
N GLN D 64 30.93 30.48 13.22
CA GLN D 64 31.46 31.81 13.51
C GLN D 64 30.68 32.89 12.75
N ALA D 65 30.28 32.56 11.53
CA ALA D 65 29.51 33.49 10.70
C ALA D 65 28.12 33.72 11.29
N LEU D 66 27.54 32.66 11.82
CA LEU D 66 26.22 32.74 12.47
C LEU D 66 26.27 33.57 13.74
N GLN D 67 27.43 33.58 14.40
CA GLN D 67 27.58 34.27 15.68
C GLN D 67 27.57 35.78 15.52
N THR D 68 28.13 36.27 14.41
CA THR D 68 28.18 37.70 14.14
C THR D 68 26.81 38.22 13.73
N ASP D 69 26.28 37.68 12.64
CA ASP D 69 24.95 38.02 12.17
C ASP D 69 24.38 36.88 11.33
N PRO D 70 23.45 36.11 11.92
CA PRO D 70 22.89 34.91 11.29
C PRO D 70 22.08 35.21 10.02
N ALA D 71 21.35 36.32 10.02
CA ALA D 71 20.50 36.67 8.89
C ALA D 71 21.33 36.92 7.64
N ALA D 72 22.52 37.49 7.82
CA ALA D 72 23.40 37.86 6.72
C ALA D 72 24.07 36.66 6.07
N VAL D 73 24.08 35.54 6.79
CA VAL D 73 24.77 34.33 6.32
C VAL D 73 24.05 33.68 5.14
N LYS D 74 24.79 33.45 4.06
CA LYS D 74 24.25 32.77 2.90
C LYS D 74 24.52 31.27 3.01
N LEU D 75 23.48 30.51 3.36
CA LEU D 75 23.64 29.09 3.65
C LEU D 75 23.87 28.24 2.39
N GLU D 76 23.59 28.79 1.22
CA GLU D 76 23.78 28.04 -0.02
C GLU D 76 25.26 27.87 -0.34
N ASN D 77 26.10 28.66 0.32
CA ASN D 77 27.55 28.57 0.14
C ASN D 77 28.19 27.52 1.02
N PHE D 78 27.38 26.89 1.88
CA PHE D 78 27.88 25.89 2.82
C PHE D 78 27.31 24.51 2.54
N PRO D 79 28.14 23.47 2.69
CA PRO D 79 27.73 22.08 2.51
C PRO D 79 26.62 21.67 3.49
N ILE D 80 25.76 20.76 3.07
CA ILE D 80 24.57 20.40 3.83
C ILE D 80 24.91 19.76 5.19
N HIS D 81 25.95 18.93 5.22
CA HIS D 81 26.31 18.24 6.46
C HIS D 81 27.03 19.16 7.45
N ALA D 82 27.58 20.26 6.94
CA ALA D 82 28.13 21.30 7.82
C ALA D 82 26.99 22.06 8.47
N ILE D 83 25.91 22.21 7.72
CA ILE D 83 24.72 22.89 8.22
C ILE D 83 24.04 22.08 9.32
N THR D 84 23.87 20.77 9.08
CA THR D 84 23.26 19.89 10.07
C THR D 84 24.14 19.76 11.31
N GLY D 85 25.44 19.78 11.11
CA GLY D 85 26.39 19.70 12.21
C GLY D 85 26.29 20.91 13.10
N VAL D 86 26.25 22.09 12.49
CA VAL D 86 26.15 23.34 13.25
C VAL D 86 24.84 23.38 14.02
N LEU D 87 23.78 22.86 13.39
CA LEU D 87 22.47 22.77 14.04
C LEU D 87 22.54 21.97 15.33
N LYS D 88 23.09 20.76 15.25
CA LYS D 88 23.24 19.91 16.43
C LYS D 88 24.14 20.58 17.47
N GLN D 89 25.21 21.23 17.02
CA GLN D 89 26.10 21.94 17.92
C GLN D 89 25.37 23.04 18.68
N TRP D 90 24.50 23.76 17.96
CA TRP D 90 23.73 24.84 18.55
C TRP D 90 22.84 24.34 19.68
N LEU D 91 22.30 23.14 19.50
CA LEU D 91 21.46 22.51 20.53
C LEU D 91 22.30 22.10 21.74
N ARG D 92 23.50 21.59 21.47
CA ARG D 92 24.37 21.09 22.54
C ARG D 92 25.05 22.20 23.32
N GLU D 93 25.18 23.37 22.72
CA GLU D 93 25.90 24.47 23.35
C GLU D 93 25.00 25.40 24.14
N LEU D 94 23.69 25.12 24.14
CA LEU D 94 22.76 25.88 24.96
C LEU D 94 23.08 25.63 26.44
N PRO D 95 23.05 26.70 27.25
CA PRO D 95 23.43 26.61 28.67
C PRO D 95 22.59 25.58 29.41
N GLU D 96 21.32 25.50 29.04
CA GLU D 96 20.43 24.46 29.53
C GLU D 96 19.87 23.70 28.33
N PRO D 97 19.66 22.38 28.46
CA PRO D 97 19.00 21.63 27.38
C PRO D 97 17.65 22.24 27.03
N LEU D 98 17.23 22.08 25.77
CA LEU D 98 16.00 22.71 25.30
C LEU D 98 14.78 22.27 26.09
N MET D 99 14.79 21.04 26.57
CA MET D 99 13.67 20.52 27.36
C MET D 99 13.94 20.68 28.86
N THR D 100 14.89 21.55 29.17
CA THR D 100 15.22 22.02 30.53
C THR D 100 15.74 20.95 31.50
N PHE D 101 16.47 21.41 32.52
CA PHE D 101 16.93 20.55 33.60
C PHE D 101 15.80 20.23 34.57
N ALA D 102 14.97 21.24 34.84
CA ALA D 102 13.93 21.14 35.86
C ALA D 102 12.86 20.11 35.53
N GLN D 103 12.65 19.84 34.25
CA GLN D 103 11.59 18.93 33.84
C GLN D 103 12.14 17.62 33.28
N TYR D 104 13.45 17.47 33.34
CA TYR D 104 14.15 16.25 32.94
C TYR D 104 13.53 15.01 33.60
N GLY D 105 13.34 15.10 34.91
CA GLY D 105 12.78 14.01 35.68
C GLY D 105 11.33 13.72 35.31
N ASP D 106 10.58 14.79 35.02
CA ASP D 106 9.18 14.66 34.64
C ASP D 106 9.02 13.85 33.35
N PHE D 107 9.90 14.10 32.39
CA PHE D 107 9.88 13.35 31.14
C PHE D 107 10.19 11.88 31.39
N LEU D 108 11.14 11.61 32.30
CA LEU D 108 11.49 10.24 32.64
C LEU D 108 10.32 9.49 33.25
N ARG D 109 9.57 10.15 34.13
CA ARG D 109 8.44 9.53 34.80
C ARG D 109 7.36 9.16 33.80
N ALA D 110 7.24 9.96 32.75
CA ALA D 110 6.26 9.72 31.72
C ALA D 110 6.51 8.39 31.00
N VAL D 111 7.74 8.20 30.52
CA VAL D 111 8.04 7.05 29.69
C VAL D 111 8.08 5.74 30.49
N GLU D 112 8.33 5.82 31.80
CA GLU D 112 8.42 4.62 32.61
C GLU D 112 7.05 4.16 33.10
N LEU D 113 6.00 4.85 32.66
CA LEU D 113 4.64 4.41 32.91
C LEU D 113 4.37 3.12 32.15
N PRO D 114 3.47 2.26 32.68
CA PRO D 114 3.15 0.96 32.07
C PRO D 114 2.67 1.04 30.63
N GLU D 115 1.43 1.48 30.42
CA GLU D 115 0.83 1.48 29.09
C GLU D 115 1.29 2.64 28.22
N LYS D 116 1.40 2.39 26.92
CA LYS D 116 1.92 3.34 25.95
C LYS D 116 1.10 4.63 25.85
N GLN D 117 -0.22 4.52 26.03
CA GLN D 117 -1.11 5.67 25.86
C GLN D 117 -0.92 6.71 26.96
N GLU D 118 -0.91 6.28 28.21
CA GLU D 118 -0.73 7.22 29.31
C GLU D 118 0.72 7.72 29.35
N GLN D 119 1.63 6.98 28.71
CA GLN D 119 2.99 7.48 28.54
C GLN D 119 2.97 8.71 27.64
N LEU D 120 2.23 8.60 26.53
CA LEU D 120 2.08 9.71 25.58
C LEU D 120 1.44 10.91 26.25
N ALA D 121 0.32 10.67 26.93
CA ALA D 121 -0.42 11.73 27.59
C ALA D 121 0.41 12.43 28.66
N ALA D 122 1.23 11.67 29.36
CA ALA D 122 2.08 12.25 30.40
C ALA D 122 3.17 13.12 29.79
N ILE D 123 3.74 12.66 28.67
CA ILE D 123 4.75 13.41 27.96
C ILE D 123 4.22 14.79 27.57
N TYR D 124 3.03 14.84 26.98
CA TYR D 124 2.45 16.11 26.55
C TYR D 124 2.08 17.00 27.74
N ALA D 125 1.70 16.38 28.85
CA ALA D 125 1.40 17.13 30.08
C ALA D 125 2.64 17.89 30.55
N VAL D 126 3.81 17.26 30.41
CA VAL D 126 5.07 17.89 30.79
C VAL D 126 5.40 19.03 29.84
N LEU D 127 5.18 18.80 28.54
CA LEU D 127 5.44 19.80 27.51
C LEU D 127 4.69 21.10 27.76
N GLU D 128 3.48 20.97 28.32
CA GLU D 128 2.65 22.13 28.62
C GLU D 128 3.30 23.08 29.62
N HIS D 129 4.18 22.54 30.46
CA HIS D 129 4.82 23.32 31.50
C HIS D 129 6.21 23.82 31.10
N LEU D 130 6.60 23.54 29.86
CA LEU D 130 7.85 24.08 29.33
C LEU D 130 7.79 25.59 29.31
N PRO D 131 8.92 26.26 29.53
CA PRO D 131 8.98 27.72 29.36
C PRO D 131 8.62 28.10 27.92
N GLU D 132 8.14 29.32 27.74
CA GLU D 132 7.65 29.76 26.43
C GLU D 132 8.68 29.60 25.32
N ALA D 133 9.88 30.14 25.54
CA ALA D 133 10.94 30.10 24.53
C ALA D 133 11.38 28.68 24.24
N ASN D 134 11.43 27.86 25.29
CA ASN D 134 11.81 26.46 25.13
C ASN D 134 10.76 25.69 24.34
N HIS D 135 9.50 25.94 24.67
CA HIS D 135 8.40 25.28 23.99
C HIS D 135 8.36 25.66 22.52
N ASN D 136 8.51 26.95 22.23
CA ASN D 136 8.47 27.44 20.85
C ASN D 136 9.60 26.84 20.00
N SER D 137 10.79 26.73 20.57
CA SER D 137 11.93 26.18 19.86
C SER D 137 11.76 24.68 19.63
N LEU D 138 11.35 23.96 20.67
CA LEU D 138 11.14 22.52 20.58
C LEU D 138 10.05 22.20 19.57
N GLU D 139 8.98 22.98 19.62
CA GLU D 139 7.85 22.82 18.71
C GLU D 139 8.30 22.94 17.26
N ARG D 140 9.14 23.93 16.97
CA ARG D 140 9.67 24.12 15.63
C ARG D 140 10.58 22.97 15.21
N LEU D 141 11.34 22.43 16.16
CA LEU D 141 12.30 21.37 15.86
C LEU D 141 11.61 20.03 15.60
N ILE D 142 10.66 19.67 16.46
CA ILE D 142 9.92 18.43 16.29
C ILE D 142 9.19 18.43 14.96
N PHE D 143 8.61 19.57 14.63
CA PHE D 143 7.94 19.78 13.35
C PHE D 143 8.90 19.52 12.19
N HIS D 144 10.14 20.00 12.34
CA HIS D 144 11.21 19.75 11.38
C HIS D 144 11.54 18.25 11.29
N LEU D 145 11.69 17.61 12.44
CA LEU D 145 12.05 16.20 12.46
C LEU D 145 10.94 15.34 11.87
N VAL D 146 9.69 15.79 12.02
CA VAL D 146 8.57 15.12 11.37
C VAL D 146 8.74 15.18 9.86
N LYS D 147 9.00 16.38 9.33
CA LYS D 147 9.21 16.57 7.89
C LYS D 147 10.37 15.72 7.38
N VAL D 148 11.41 15.58 8.19
CA VAL D 148 12.56 14.76 7.83
C VAL D 148 12.19 13.29 7.75
N ALA D 149 11.53 12.80 8.80
CA ALA D 149 11.22 11.37 8.90
C ALA D 149 10.12 10.95 7.93
N LEU D 150 9.33 11.90 7.46
CA LEU D 150 8.32 11.63 6.44
C LEU D 150 8.99 11.16 5.15
N LEU D 151 10.23 11.57 4.95
CA LEU D 151 10.98 11.19 3.76
C LEU D 151 12.03 10.12 4.07
N GLU D 152 11.71 9.26 5.04
CA GLU D 152 12.61 8.18 5.46
C GLU D 152 13.02 7.29 4.30
N ASP D 153 12.10 7.08 3.36
CA ASP D 153 12.35 6.21 2.20
C ASP D 153 13.48 6.73 1.31
N VAL D 154 13.86 7.98 1.47
CA VAL D 154 14.95 8.55 0.67
C VAL D 154 16.13 9.00 1.52
N ASN D 155 15.87 9.70 2.62
CA ASN D 155 16.96 10.19 3.47
C ASN D 155 17.43 9.17 4.50
N ARG D 156 16.77 8.02 4.54
CA ARG D 156 17.14 6.90 5.41
C ARG D 156 17.06 7.23 6.90
N MET D 157 16.35 8.30 7.25
CA MET D 157 16.23 8.71 8.64
C MET D 157 14.86 8.42 9.22
N SER D 158 14.78 7.34 10.00
CA SER D 158 13.55 6.96 10.69
C SER D 158 13.33 7.85 11.92
N PRO D 159 12.12 7.83 12.49
CA PRO D 159 11.90 8.54 13.75
C PRO D 159 12.80 8.02 14.86
N GLY D 160 13.05 6.71 14.85
CA GLY D 160 13.93 6.10 15.83
C GLY D 160 15.36 6.56 15.72
N ALA D 161 15.86 6.67 14.49
CA ALA D 161 17.22 7.15 14.26
C ALA D 161 17.36 8.60 14.71
N LEU D 162 16.38 9.43 14.33
CA LEU D 162 16.38 10.85 14.69
C LEU D 162 16.26 11.03 16.19
N ALA D 163 15.53 10.14 16.84
CA ALA D 163 15.39 10.15 18.29
C ALA D 163 16.77 9.99 18.94
N ILE D 164 17.48 8.94 18.54
CA ILE D 164 18.80 8.64 19.08
C ILE D 164 19.75 9.83 18.92
N ILE D 165 19.65 10.51 17.79
CA ILE D 165 20.54 11.61 17.47
C ILE D 165 20.21 12.86 18.28
N PHE D 166 18.93 13.21 18.38
CA PHE D 166 18.54 14.49 18.95
C PHE D 166 18.19 14.44 20.43
N ALA D 167 17.88 13.26 20.96
CA ALA D 167 17.51 13.13 22.36
C ALA D 167 18.59 13.66 23.33
N PRO D 168 19.88 13.28 23.13
CA PRO D 168 20.85 13.83 24.09
C PRO D 168 21.04 15.33 23.91
N CYS D 169 20.72 15.85 22.74
CA CYS D 169 20.81 17.28 22.50
C CYS D 169 19.71 18.02 23.26
N LEU D 170 18.54 17.38 23.35
CA LEU D 170 17.36 18.01 23.93
C LEU D 170 17.24 17.78 25.44
N LEU D 171 17.73 16.63 25.89
CA LEU D 171 17.65 16.26 27.30
C LEU D 171 19.00 15.78 27.82
N ARG D 172 19.54 16.50 28.80
CA ARG D 172 20.80 16.11 29.42
C ARG D 172 20.62 15.83 30.91
N CYS D 173 21.42 14.90 31.42
CA CYS D 173 21.47 14.62 32.84
C CYS D 173 22.00 15.83 33.61
N PRO D 174 21.31 16.24 34.67
CA PRO D 174 21.91 17.20 35.60
C PRO D 174 23.14 16.59 36.26
N ASP D 175 24.05 17.41 36.76
CA ASP D 175 25.29 16.89 37.35
C ASP D 175 25.07 16.33 38.75
N ASN D 176 23.98 16.72 39.40
CA ASN D 176 23.65 16.19 40.72
C ASN D 176 23.06 14.78 40.64
N SER D 177 22.82 14.31 39.42
CA SER D 177 22.21 13.01 39.21
C SER D 177 23.18 11.86 39.48
N ASP D 178 22.62 10.66 39.61
CA ASP D 178 23.40 9.46 39.88
C ASP D 178 23.84 8.79 38.58
N PRO D 179 25.16 8.71 38.37
CA PRO D 179 25.74 8.05 37.19
C PRO D 179 25.38 6.57 37.11
N LEU D 180 25.17 5.94 38.27
CA LEU D 180 24.80 4.53 38.31
C LEU D 180 23.29 4.37 38.18
N THR D 181 22.63 5.38 37.63
CA THR D 181 21.20 5.33 37.30
C THR D 181 21.01 6.04 35.97
N SER D 182 22.00 6.84 35.61
CA SER D 182 22.05 7.51 34.31
C SER D 182 22.22 6.51 33.17
N MET D 183 22.47 5.26 33.53
CA MET D 183 22.70 4.20 32.57
C MET D 183 21.46 3.86 31.74
N LYS D 184 20.29 3.95 32.36
CA LYS D 184 19.04 3.63 31.67
C LYS D 184 18.32 4.89 31.21
N ASP D 185 18.85 6.04 31.59
CA ASP D 185 18.22 7.32 31.25
C ASP D 185 18.33 7.64 29.75
N VAL D 186 19.43 7.22 29.13
CA VAL D 186 19.65 7.48 27.71
C VAL D 186 18.59 6.77 26.86
N LEU D 187 18.25 5.54 27.23
CA LEU D 187 17.15 4.83 26.57
C LEU D 187 15.83 5.55 26.78
N LYS D 188 15.58 5.98 28.02
CA LYS D 188 14.32 6.59 28.37
C LYS D 188 14.07 7.90 27.62
N ILE D 189 15.10 8.74 27.51
CA ILE D 189 14.97 10.02 26.82
C ILE D 189 14.86 9.82 25.31
N THR D 190 15.40 8.71 24.82
CA THR D 190 15.31 8.38 23.40
C THR D 190 13.88 7.96 23.08
N THR D 191 13.31 7.13 23.96
CA THR D 191 11.91 6.72 23.85
C THR D 191 10.97 7.92 23.87
N CYS D 192 11.22 8.85 24.78
CA CYS D 192 10.43 10.08 24.90
C CYS D 192 10.38 10.86 23.59
N VAL D 193 11.54 11.06 22.98
CA VAL D 193 11.64 11.83 21.74
C VAL D 193 11.06 11.05 20.57
N GLU D 194 11.30 9.74 20.54
CA GLU D 194 10.79 8.88 19.49
C GLU D 194 9.26 8.91 19.45
N MET D 195 8.64 8.78 20.62
CA MET D 195 7.18 8.76 20.72
C MET D 195 6.59 10.12 20.37
N LEU D 196 7.34 11.18 20.65
CA LEU D 196 6.91 12.53 20.35
C LEU D 196 6.92 12.77 18.84
N ILE D 197 7.97 12.33 18.18
CA ILE D 197 8.07 12.45 16.73
C ILE D 197 6.99 11.63 16.04
N LYS D 198 6.79 10.39 16.48
CA LYS D 198 5.81 9.51 15.86
C LYS D 198 4.38 10.01 16.01
N GLU D 199 4.05 10.52 17.19
CA GLU D 199 2.71 11.02 17.46
C GLU D 199 2.41 12.29 16.67
N GLN D 200 3.40 13.18 16.57
CA GLN D 200 3.24 14.39 15.77
C GLN D 200 3.13 14.02 14.29
N MET D 201 3.82 12.95 13.90
CA MET D 201 3.78 12.49 12.53
C MET D 201 2.43 11.87 12.20
N ARG D 202 1.87 11.15 13.15
CA ARG D 202 0.56 10.54 12.97
C ARG D 202 -0.48 11.63 12.78
N LYS D 203 -0.39 12.66 13.60
CA LYS D 203 -1.31 13.78 13.51
C LYS D 203 -1.07 14.60 12.23
N TYR D 204 0.18 14.59 11.75
CA TYR D 204 0.51 15.22 10.47
C TYR D 204 -0.29 14.54 9.37
N LYS D 205 -0.14 13.21 9.28
CA LYS D 205 -0.81 12.42 8.26
C LYS D 205 -2.32 12.59 8.29
N VAL D 206 -2.91 12.41 9.46
CA VAL D 206 -4.35 12.55 9.64
C VAL D 206 -4.86 13.89 9.11
N LYS D 207 -4.17 14.97 9.47
CA LYS D 207 -4.56 16.29 9.04
C LYS D 207 -4.26 16.49 7.55
N MET D 208 -3.38 15.64 7.01
CA MET D 208 -2.95 15.75 5.63
C MET D 208 -3.91 15.09 4.63
N GLU D 209 -4.50 13.96 5.04
CA GLU D 209 -5.53 13.32 4.22
C GLU D 209 -6.73 14.25 4.13
N GLU D 210 -6.88 15.08 5.15
CA GLU D 210 -7.94 16.07 5.23
C GLU D 210 -7.65 17.27 4.32
N ILE D 211 -6.39 17.72 4.30
CA ILE D 211 -5.97 18.81 3.44
C ILE D 211 -6.06 18.42 1.96
N SER D 212 -5.73 17.17 1.69
CA SER D 212 -5.66 16.67 0.32
C SER D 212 -7.02 16.52 -0.34
N GLN D 213 -8.09 16.74 0.41
CA GLN D 213 -9.44 16.59 -0.13
C GLN D 213 -9.97 17.90 -0.70
N LEU D 214 -10.61 17.81 -1.87
CA LEU D 214 -11.24 18.94 -2.51
C LEU D 214 -12.42 19.43 -1.68
N GLU D 215 -13.44 18.58 -1.59
CA GLU D 215 -14.67 18.86 -0.84
C GLU D 215 -15.33 20.15 -1.31
#